data_1KOJ
#
_entry.id   1KOJ
#
_cell.length_a   82.69
_cell.length_b   115.97
_cell.length_c   271.85
_cell.angle_alpha   90.00
_cell.angle_beta   90.00
_cell.angle_gamma   90.00
#
_symmetry.space_group_name_H-M   'C 2 2 21'
#
loop_
_entity.id
_entity.type
_entity.pdbx_description
1 polymer 'Glucose-6-phosphate isomerase'
2 non-polymer '5-PHOSPHO-D-ARABINOHYDROXAMIC ACID'
3 water water
#
_entity_poly.entity_id   1
_entity_poly.type   'polypeptide(L)'
_entity_poly.pdbx_seq_one_letter_code
;AALTRNPQFQKLQQWHREHGSELNLRHLFDTDKERFNHFSLTLNTNHGHILLDYSKNLVTEEVMHMLLDLAKSRGVEAAR
ESMFNGEKINSTEDRAVLHVALRNRSNTPIVVDGKDVMPEVNKVLDKMKAFCQRVRSGDWKGYTGKTITDVINIGIGGSD
LGPLMVTEALKPYSSGGPRVWFVSNIDGTHIAKTLACLNPESSLFIIASKTFTTQETITNAKTAKDWFLLSAKDPSTVAK
HFVALSTNTAKVKEFGIDPQNMFEFWDWVGGRYSLWSAIGLSIALHVGFDNFEQLLSGAHWMDQHFRTTPLEKNAPVLLA
MLGIWYINCFGCETQAVLPYDQYLHRFAAYFQQGDMESNGKYITKSGARVDHQTGPIVWGEPGTNGQHAFYQLIHQGTKM
IPCDFLIPVQTQHPIRKGLHHKILLANFLAQTEALMKGKSTEEARKELQAAGKSPEDLMKLLPHKVFEGNRPTNSIVFTK
LTPFILGALIAMYEHKIFVQGVVWDINSFDQWGVELGKQLAKKIEPELDGSSPVTSHDSSTNGLINFIKQQREAKIQ
;
_entity_poly.pdbx_strand_id   A,B
#
# COMPACT_ATOMS: atom_id res chain seq x y z
N ALA A 1 -17.95 9.63 -23.07
CA ALA A 1 -19.10 10.55 -22.85
C ALA A 1 -20.42 9.83 -23.13
N ALA A 2 -21.27 9.80 -22.12
CA ALA A 2 -22.57 9.15 -22.18
C ALA A 2 -23.26 9.50 -20.87
N LEU A 3 -22.46 9.58 -19.82
CA LEU A 3 -22.95 9.91 -18.49
C LEU A 3 -23.22 11.41 -18.50
N THR A 4 -22.40 12.13 -19.26
CA THR A 4 -22.51 13.58 -19.39
C THR A 4 -23.87 13.98 -19.96
N ARG A 5 -24.40 13.13 -20.84
CA ARG A 5 -25.67 13.40 -21.50
C ARG A 5 -26.89 12.94 -20.71
N ASN A 6 -26.66 12.35 -19.53
CA ASN A 6 -27.76 11.85 -18.70
C ASN A 6 -28.38 12.96 -17.84
N PRO A 7 -29.71 13.13 -17.93
CA PRO A 7 -30.43 14.17 -17.17
C PRO A 7 -30.37 14.00 -15.65
N GLN A 8 -30.36 12.76 -15.16
CA GLN A 8 -30.27 12.54 -13.72
C GLN A 8 -28.90 13.02 -13.26
N PHE A 9 -27.87 12.72 -14.04
CA PHE A 9 -26.51 13.13 -13.72
C PHE A 9 -26.40 14.66 -13.70
N GLN A 10 -27.09 15.30 -14.64
CA GLN A 10 -27.08 16.75 -14.73
C GLN A 10 -27.78 17.34 -13.51
N LYS A 11 -28.87 16.69 -13.11
CA LYS A 11 -29.64 17.12 -11.95
C LYS A 11 -28.73 17.08 -10.73
N LEU A 12 -28.01 15.98 -10.57
CA LEU A 12 -27.09 15.80 -9.46
C LEU A 12 -26.06 16.92 -9.40
N GLN A 13 -25.38 17.16 -10.52
CA GLN A 13 -24.37 18.20 -10.59
C GLN A 13 -24.91 19.60 -10.28
N GLN A 14 -26.08 19.92 -10.82
CA GLN A 14 -26.65 21.24 -10.57
C GLN A 14 -26.90 21.42 -9.08
N TRP A 15 -27.47 20.39 -8.46
CA TRP A 15 -27.76 20.42 -7.03
C TRP A 15 -26.48 20.63 -6.23
N HIS A 16 -25.48 19.81 -6.52
CA HIS A 16 -24.20 19.90 -5.82
C HIS A 16 -23.47 21.19 -6.13
N ARG A 17 -23.58 21.63 -7.38
CA ARG A 17 -22.92 22.85 -7.83
C ARG A 17 -23.19 24.02 -6.89
N GLU A 18 -24.42 24.09 -6.37
CA GLU A 18 -24.79 25.18 -5.47
C GLU A 18 -25.26 24.74 -4.09
N HIS A 19 -25.00 23.48 -3.73
CA HIS A 19 -25.40 22.96 -2.43
C HIS A 19 -24.43 21.94 -1.86
N GLY A 20 -23.83 21.15 -2.75
CA GLY A 20 -22.88 20.13 -2.33
C GLY A 20 -21.58 20.71 -1.81
N SER A 21 -21.69 21.66 -0.90
CA SER A 21 -20.53 22.32 -0.32
C SER A 21 -20.93 22.87 1.05
N GLU A 22 -22.24 22.93 1.28
CA GLU A 22 -22.77 23.41 2.55
C GLU A 22 -23.07 22.21 3.43
N LEU A 23 -23.10 21.03 2.82
CA LEU A 23 -23.38 19.80 3.54
C LEU A 23 -22.37 19.61 4.67
N ASN A 24 -22.84 19.71 5.90
CA ASN A 24 -21.96 19.56 7.06
C ASN A 24 -22.44 18.43 7.96
N LEU A 25 -21.68 17.34 7.98
CA LEU A 25 -22.01 16.16 8.78
C LEU A 25 -22.47 16.42 10.20
N ARG A 26 -21.68 17.19 10.95
CA ARG A 26 -22.06 17.46 12.34
C ARG A 26 -23.45 18.09 12.40
N HIS A 27 -23.77 18.93 11.42
CA HIS A 27 -25.07 19.60 11.39
C HIS A 27 -26.19 18.62 11.06
N LEU A 28 -25.91 17.71 10.12
CA LEU A 28 -26.90 16.72 9.70
C LEU A 28 -27.31 15.83 10.87
N PHE A 29 -26.35 15.48 11.73
CA PHE A 29 -26.68 14.63 12.88
C PHE A 29 -27.43 15.39 13.96
N ASP A 30 -27.05 16.65 14.18
CA ASP A 30 -27.69 17.49 15.18
C ASP A 30 -29.01 18.10 14.71
N THR A 31 -29.73 17.36 13.87
CA THR A 31 -31.01 17.83 13.36
C THR A 31 -31.84 16.65 12.88
N ASP A 32 -31.31 15.45 13.11
CA ASP A 32 -31.98 14.22 12.71
C ASP A 32 -31.47 13.08 13.58
N LYS A 33 -32.26 12.71 14.59
CA LYS A 33 -31.90 11.65 15.51
C LYS A 33 -32.08 10.26 14.91
N GLU A 34 -32.73 10.20 13.75
CA GLU A 34 -32.96 8.93 13.07
C GLU A 34 -31.96 8.74 11.93
N ARG A 35 -30.99 9.63 11.82
CA ARG A 35 -30.01 9.54 10.76
C ARG A 35 -29.34 8.19 10.68
N PHE A 36 -28.87 7.66 11.81
CA PHE A 36 -28.23 6.35 11.79
C PHE A 36 -29.17 5.28 11.25
N ASN A 37 -30.39 5.24 11.77
CA ASN A 37 -31.35 4.24 11.32
C ASN A 37 -31.76 4.42 9.86
N HIS A 38 -31.79 5.65 9.39
CA HIS A 38 -32.17 5.92 8.01
C HIS A 38 -31.03 5.77 7.02
N PHE A 39 -29.79 5.92 7.49
CA PHE A 39 -28.65 5.81 6.59
C PHE A 39 -27.71 4.65 6.91
N SER A 40 -28.27 3.49 7.20
CA SER A 40 -27.48 2.31 7.49
C SER A 40 -28.32 1.09 7.15
N LEU A 41 -27.66 -0.06 7.04
CA LEU A 41 -28.37 -1.29 6.76
C LEU A 41 -27.69 -2.44 7.46
N THR A 42 -28.49 -3.33 8.03
CA THR A 42 -27.95 -4.50 8.73
C THR A 42 -28.33 -5.73 7.92
N LEU A 43 -27.33 -6.53 7.57
CA LEU A 43 -27.57 -7.74 6.79
C LEU A 43 -27.34 -8.99 7.62
N ASN A 44 -28.38 -9.79 7.78
CA ASN A 44 -28.27 -11.04 8.53
C ASN A 44 -28.03 -12.12 7.49
N THR A 45 -26.83 -12.69 7.48
CA THR A 45 -26.49 -13.73 6.52
C THR A 45 -26.76 -15.13 7.04
N ASN A 46 -27.19 -15.23 8.29
CA ASN A 46 -27.45 -16.53 8.94
C ASN A 46 -26.13 -17.15 9.40
N HIS A 47 -25.02 -16.49 9.08
CA HIS A 47 -23.69 -16.97 9.47
C HIS A 47 -22.90 -15.75 9.98
N GLY A 48 -23.65 -14.79 10.49
CA GLY A 48 -23.06 -13.55 11.01
C GLY A 48 -23.77 -12.37 10.39
N HIS A 49 -23.73 -11.22 11.06
CA HIS A 49 -24.37 -10.02 10.56
C HIS A 49 -23.33 -9.06 10.00
N ILE A 50 -23.76 -8.22 9.06
CA ILE A 50 -22.90 -7.22 8.48
C ILE A 50 -23.59 -5.88 8.55
N LEU A 51 -23.01 -4.95 9.29
CA LEU A 51 -23.58 -3.62 9.40
C LEU A 51 -22.84 -2.61 8.54
N LEU A 52 -23.54 -2.05 7.56
CA LEU A 52 -22.99 -1.05 6.68
C LEU A 52 -23.60 0.28 7.13
N ASP A 53 -22.79 1.07 7.85
CA ASP A 53 -23.23 2.37 8.34
C ASP A 53 -22.64 3.44 7.45
N TYR A 54 -23.47 4.05 6.61
CA TYR A 54 -23.00 5.09 5.71
C TYR A 54 -23.60 6.45 6.07
N SER A 55 -23.96 6.60 7.34
CA SER A 55 -24.55 7.83 7.84
C SER A 55 -23.55 8.98 7.97
N LYS A 56 -22.26 8.65 8.07
CA LYS A 56 -21.24 9.68 8.18
C LYS A 56 -20.77 10.15 6.80
N ASN A 57 -21.68 10.13 5.83
CA ASN A 57 -21.37 10.58 4.47
C ASN A 57 -22.09 11.90 4.20
N LEU A 58 -21.51 12.72 3.32
CA LEU A 58 -22.07 14.01 2.99
C LEU A 58 -23.28 13.87 2.07
N VAL A 59 -24.33 13.26 2.60
CA VAL A 59 -25.55 13.05 1.83
C VAL A 59 -26.79 13.31 2.68
N THR A 60 -27.90 13.56 1.98
CA THR A 60 -29.18 13.78 2.63
C THR A 60 -30.15 12.90 1.89
N GLU A 61 -31.40 12.89 2.35
CA GLU A 61 -32.44 12.09 1.72
C GLU A 61 -32.49 12.41 0.22
N GLU A 62 -32.55 13.68 -0.10
CA GLU A 62 -32.60 14.13 -1.49
C GLU A 62 -31.48 13.51 -2.31
N VAL A 63 -30.24 13.73 -1.85
CA VAL A 63 -29.06 13.23 -2.54
C VAL A 63 -29.11 11.74 -2.83
N MET A 64 -29.46 10.93 -1.83
CA MET A 64 -29.54 9.49 -2.03
C MET A 64 -30.59 9.18 -3.08
N HIS A 65 -31.67 9.96 -3.09
CA HIS A 65 -32.75 9.75 -4.06
C HIS A 65 -32.23 10.00 -5.47
N MET A 66 -31.53 11.12 -5.66
CA MET A 66 -30.98 11.46 -6.97
C MET A 66 -29.94 10.45 -7.40
N LEU A 67 -29.13 9.97 -6.45
CA LEU A 67 -28.10 8.98 -6.75
C LEU A 67 -28.72 7.66 -7.19
N LEU A 68 -29.81 7.28 -6.56
CA LEU A 68 -30.45 6.03 -6.93
C LEU A 68 -31.18 6.19 -8.27
N ASP A 69 -31.65 7.41 -8.55
CA ASP A 69 -32.34 7.67 -9.82
C ASP A 69 -31.35 7.54 -10.98
N LEU A 70 -30.12 7.98 -10.75
CA LEU A 70 -29.07 7.92 -11.76
C LEU A 70 -28.72 6.46 -12.04
N ALA A 71 -28.68 5.66 -10.98
CA ALA A 71 -28.35 4.25 -11.11
C ALA A 71 -29.30 3.54 -12.06
N LYS A 72 -30.60 3.85 -11.95
CA LYS A 72 -31.59 3.19 -12.81
C LYS A 72 -31.67 3.75 -14.24
N SER A 73 -31.39 5.03 -14.42
CA SER A 73 -31.45 5.59 -15.77
C SER A 73 -30.19 5.15 -16.54
N ARG A 74 -29.20 4.66 -15.82
CA ARG A 74 -27.98 4.19 -16.45
C ARG A 74 -28.06 2.67 -16.67
N GLY A 75 -29.20 2.09 -16.31
CA GLY A 75 -29.42 0.67 -16.50
C GLY A 75 -28.66 -0.32 -15.66
N VAL A 76 -28.35 0.03 -14.41
CA VAL A 76 -27.62 -0.87 -13.53
C VAL A 76 -28.29 -2.25 -13.46
N GLU A 77 -29.57 -2.26 -13.15
CA GLU A 77 -30.31 -3.51 -13.02
C GLU A 77 -30.26 -4.37 -14.29
N ALA A 78 -30.48 -3.75 -15.44
CA ALA A 78 -30.44 -4.47 -16.71
C ALA A 78 -29.05 -5.06 -16.88
N ALA A 79 -28.03 -4.23 -16.67
CA ALA A 79 -26.65 -4.67 -16.80
C ALA A 79 -26.36 -5.84 -15.87
N ARG A 80 -26.89 -5.79 -14.66
CA ARG A 80 -26.68 -6.84 -13.68
C ARG A 80 -27.21 -8.19 -14.15
N GLU A 81 -28.46 -8.22 -14.58
CA GLU A 81 -29.06 -9.46 -15.07
C GLU A 81 -28.26 -10.04 -16.22
N SER A 82 -27.77 -9.16 -17.09
CA SER A 82 -26.96 -9.58 -18.24
C SER A 82 -25.70 -10.33 -17.79
N MET A 83 -25.11 -9.86 -16.72
CA MET A 83 -23.89 -10.49 -16.18
C MET A 83 -24.24 -11.87 -15.64
N PHE A 84 -25.25 -11.93 -14.78
CA PHE A 84 -25.67 -13.19 -14.20
C PHE A 84 -26.21 -14.20 -15.22
N ASN A 85 -26.68 -13.71 -16.36
CA ASN A 85 -27.23 -14.59 -17.39
C ASN A 85 -26.23 -15.15 -18.39
N GLY A 86 -24.96 -14.81 -18.24
CA GLY A 86 -23.96 -15.34 -19.15
C GLY A 86 -23.73 -14.55 -20.45
N GLU A 87 -24.41 -13.43 -20.60
CA GLU A 87 -24.26 -12.61 -21.79
C GLU A 87 -22.83 -12.07 -21.82
N LYS A 88 -22.24 -11.95 -23.01
CA LYS A 88 -20.88 -11.45 -23.13
C LYS A 88 -20.78 -9.94 -22.92
N ILE A 89 -20.89 -9.49 -21.67
CA ILE A 89 -20.83 -8.07 -21.37
C ILE A 89 -19.40 -7.52 -21.49
N ASN A 90 -18.42 -8.42 -21.64
CA ASN A 90 -17.03 -8.01 -21.80
C ASN A 90 -16.89 -7.80 -23.31
N SER A 91 -17.57 -6.76 -23.80
CA SER A 91 -17.62 -6.42 -25.21
C SER A 91 -16.31 -6.48 -26.01
N THR A 92 -15.32 -5.70 -25.59
CA THR A 92 -14.04 -5.66 -26.30
C THR A 92 -13.44 -7.04 -26.54
N GLU A 93 -13.71 -7.97 -25.65
CA GLU A 93 -13.16 -9.33 -25.78
C GLU A 93 -14.27 -10.33 -26.10
N ASP A 94 -15.46 -9.80 -26.30
CA ASP A 94 -16.64 -10.62 -26.58
C ASP A 94 -16.58 -11.88 -25.73
N ARG A 95 -16.55 -11.68 -24.44
CA ARG A 95 -16.42 -12.77 -23.48
C ARG A 95 -17.44 -12.59 -22.37
N ALA A 96 -17.89 -13.67 -21.80
CA ALA A 96 -18.83 -13.58 -20.70
C ALA A 96 -18.05 -13.15 -19.45
N VAL A 97 -18.80 -12.71 -18.47
CA VAL A 97 -18.23 -12.30 -17.18
C VAL A 97 -18.98 -13.08 -16.11
N LEU A 98 -18.45 -14.25 -15.75
CA LEU A 98 -19.13 -15.11 -14.80
C LEU A 98 -18.41 -15.58 -13.55
N HIS A 99 -17.77 -14.69 -12.81
CA HIS A 99 -17.13 -15.15 -11.58
C HIS A 99 -18.25 -15.59 -10.64
N VAL A 100 -19.46 -15.09 -10.89
CA VAL A 100 -20.60 -15.46 -10.05
C VAL A 100 -20.95 -16.94 -10.25
N ALA A 101 -20.64 -17.46 -11.44
CA ALA A 101 -20.90 -18.86 -11.75
C ALA A 101 -20.02 -19.76 -10.89
N LEU A 102 -18.79 -19.33 -10.68
CA LEU A 102 -17.82 -20.09 -9.89
C LEU A 102 -18.32 -20.42 -8.49
N ARG A 103 -19.07 -19.50 -7.88
CA ARG A 103 -19.59 -19.70 -6.54
C ARG A 103 -21.12 -19.89 -6.52
N ASN A 104 -21.68 -20.24 -7.66
CA ASN A 104 -23.13 -20.45 -7.76
C ASN A 104 -23.48 -21.82 -7.19
N ARG A 105 -23.49 -21.90 -5.86
CA ARG A 105 -23.79 -23.15 -5.18
C ARG A 105 -25.26 -23.58 -5.26
N SER A 106 -26.11 -22.69 -5.76
CA SER A 106 -27.52 -23.02 -5.93
C SER A 106 -27.60 -23.91 -7.17
N ASN A 107 -26.48 -23.93 -7.91
CA ASN A 107 -26.35 -24.70 -9.14
C ASN A 107 -27.35 -24.36 -10.22
N THR A 108 -28.01 -23.22 -10.07
CA THR A 108 -28.98 -22.77 -11.05
C THR A 108 -28.24 -22.60 -12.39
N PRO A 109 -28.87 -23.03 -13.49
CA PRO A 109 -28.31 -22.94 -14.84
C PRO A 109 -27.88 -21.56 -15.33
N ILE A 110 -26.76 -21.53 -16.04
CA ILE A 110 -26.19 -20.32 -16.62
C ILE A 110 -25.56 -20.71 -17.97
N VAL A 111 -26.40 -20.77 -18.99
CA VAL A 111 -25.98 -21.17 -20.35
C VAL A 111 -25.01 -20.13 -20.94
N VAL A 112 -23.90 -20.65 -21.41
CA VAL A 112 -22.84 -19.83 -22.01
C VAL A 112 -22.59 -20.23 -23.47
N ASP A 113 -23.04 -19.32 -24.31
CA ASP A 113 -22.94 -19.43 -25.78
C ASP A 113 -23.06 -20.91 -26.22
N GLY A 114 -23.91 -21.66 -25.49
CA GLY A 114 -24.18 -23.09 -25.81
C GLY A 114 -24.81 -23.89 -24.67
N LYS A 115 -23.92 -24.50 -23.88
CA LYS A 115 -24.33 -25.35 -22.74
C LYS A 115 -24.15 -24.61 -21.42
N ASP A 116 -24.74 -25.21 -20.39
CA ASP A 116 -24.66 -24.68 -19.02
C ASP A 116 -23.26 -24.88 -18.47
N VAL A 117 -22.73 -23.87 -17.78
CA VAL A 117 -21.38 -23.94 -17.23
C VAL A 117 -21.22 -24.61 -15.87
N MET A 118 -22.29 -24.63 -15.07
CA MET A 118 -22.21 -25.24 -13.74
C MET A 118 -21.62 -26.65 -13.70
N PRO A 119 -22.03 -27.53 -14.64
CA PRO A 119 -21.47 -28.89 -14.60
C PRO A 119 -19.94 -28.91 -14.64
N GLU A 120 -19.35 -28.02 -15.44
CA GLU A 120 -17.91 -27.94 -15.54
C GLU A 120 -17.33 -27.22 -14.32
N VAL A 121 -18.06 -26.22 -13.84
CA VAL A 121 -17.65 -25.46 -12.66
C VAL A 121 -17.53 -26.41 -11.47
N ASN A 122 -18.56 -27.23 -11.28
CA ASN A 122 -18.58 -28.17 -10.16
C ASN A 122 -17.64 -29.35 -10.37
N LYS A 123 -17.29 -29.62 -11.63
CA LYS A 123 -16.38 -30.72 -11.93
C LYS A 123 -14.98 -30.40 -11.41
N VAL A 124 -14.53 -29.17 -11.68
CA VAL A 124 -13.21 -28.75 -11.23
C VAL A 124 -13.19 -28.74 -9.70
N LEU A 125 -14.24 -28.18 -9.10
CA LEU A 125 -14.36 -28.10 -7.65
C LEU A 125 -14.20 -29.48 -7.03
N ASP A 126 -14.88 -30.48 -7.59
CA ASP A 126 -14.77 -31.83 -7.06
C ASP A 126 -13.34 -32.32 -7.19
N LYS A 127 -12.73 -32.07 -8.35
CA LYS A 127 -11.35 -32.50 -8.58
C LYS A 127 -10.42 -31.81 -7.59
N MET A 128 -10.70 -30.52 -7.34
CA MET A 128 -9.89 -29.75 -6.40
C MET A 128 -9.94 -30.38 -5.01
N LYS A 129 -11.15 -30.70 -4.55
CA LYS A 129 -11.32 -31.30 -3.24
C LYS A 129 -10.57 -32.63 -3.18
N ALA A 130 -10.77 -33.45 -4.21
CA ALA A 130 -10.11 -34.75 -4.27
C ALA A 130 -8.59 -34.61 -4.09
N PHE A 131 -8.00 -33.66 -4.80
CA PHE A 131 -6.56 -33.43 -4.70
C PHE A 131 -6.15 -33.00 -3.29
N CYS A 132 -6.89 -32.06 -2.72
CA CYS A 132 -6.58 -31.56 -1.37
C CYS A 132 -6.59 -32.68 -0.34
N GLN A 133 -7.59 -33.54 -0.40
CA GLN A 133 -7.73 -34.65 0.54
C GLN A 133 -6.46 -35.50 0.51
N ARG A 134 -5.96 -35.76 -0.70
CA ARG A 134 -4.76 -36.57 -0.89
C ARG A 134 -3.49 -35.93 -0.33
N VAL A 135 -3.34 -34.63 -0.53
CA VAL A 135 -2.16 -33.92 -0.05
C VAL A 135 -2.18 -33.69 1.47
N ARG A 136 -3.33 -33.32 2.00
CA ARG A 136 -3.46 -33.04 3.44
C ARG A 136 -3.42 -34.29 4.31
N SER A 137 -3.92 -35.40 3.78
CA SER A 137 -3.95 -36.66 4.52
C SER A 137 -2.59 -37.33 4.57
N GLY A 138 -1.80 -37.11 3.52
CA GLY A 138 -0.48 -37.71 3.45
C GLY A 138 -0.46 -38.72 2.32
N ASP A 139 -1.60 -38.88 1.66
CA ASP A 139 -1.74 -39.81 0.55
C ASP A 139 -0.74 -39.42 -0.56
N TRP A 140 -0.83 -38.18 -1.02
CA TRP A 140 0.07 -37.70 -2.06
C TRP A 140 1.48 -37.70 -1.49
N LYS A 141 2.38 -38.40 -2.17
CA LYS A 141 3.75 -38.52 -1.68
C LYS A 141 4.81 -37.84 -2.54
N GLY A 142 5.88 -37.40 -1.88
CA GLY A 142 6.99 -36.77 -2.57
C GLY A 142 7.82 -37.89 -3.14
N TYR A 143 8.65 -37.61 -4.14
CA TYR A 143 9.46 -38.64 -4.76
C TYR A 143 10.25 -39.50 -3.75
N THR A 144 10.55 -38.95 -2.59
CA THR A 144 11.28 -39.70 -1.56
C THR A 144 10.32 -40.29 -0.54
N GLY A 145 9.06 -40.44 -0.93
CA GLY A 145 8.07 -41.01 -0.03
C GLY A 145 7.70 -40.15 1.16
N LYS A 146 7.99 -38.85 1.10
CA LYS A 146 7.66 -37.94 2.20
C LYS A 146 6.35 -37.20 2.00
N THR A 147 5.75 -36.78 3.11
CA THR A 147 4.49 -36.04 3.09
C THR A 147 4.75 -34.57 2.76
N ILE A 148 3.81 -33.94 2.06
CA ILE A 148 3.94 -32.54 1.70
C ILE A 148 3.86 -31.64 2.93
N THR A 149 4.87 -30.80 3.13
CA THR A 149 4.89 -29.88 4.27
C THR A 149 4.80 -28.43 3.82
N ASP A 150 5.17 -28.18 2.56
CA ASP A 150 5.13 -26.83 2.01
C ASP A 150 4.55 -26.76 0.61
N VAL A 151 3.62 -25.83 0.41
CA VAL A 151 2.99 -25.63 -0.89
C VAL A 151 3.38 -24.23 -1.38
N ILE A 152 3.94 -24.16 -2.58
CA ILE A 152 4.38 -22.89 -3.13
C ILE A 152 3.56 -22.52 -4.37
N ASN A 153 2.86 -21.39 -4.28
CA ASN A 153 2.06 -20.92 -5.39
C ASN A 153 2.90 -19.95 -6.21
N ILE A 154 2.95 -20.17 -7.51
CA ILE A 154 3.72 -19.29 -8.39
C ILE A 154 2.78 -18.69 -9.44
N GLY A 155 2.58 -17.38 -9.33
CA GLY A 155 1.72 -16.67 -10.26
C GLY A 155 1.86 -15.19 -10.01
N ILE A 156 1.22 -14.37 -10.84
CA ILE A 156 1.31 -12.93 -10.65
C ILE A 156 -0.04 -12.29 -10.94
N GLY A 157 -0.27 -11.11 -10.37
CA GLY A 157 -1.54 -10.43 -10.59
C GLY A 157 -2.70 -11.23 -10.03
N GLY A 158 -3.72 -11.47 -10.85
CA GLY A 158 -4.87 -12.23 -10.40
C GLY A 158 -4.53 -13.66 -9.98
N SER A 159 -3.41 -14.18 -10.47
CA SER A 159 -3.02 -15.54 -10.13
C SER A 159 -2.18 -15.56 -8.86
N ASP A 160 -2.11 -14.42 -8.17
CA ASP A 160 -1.32 -14.33 -6.96
C ASP A 160 -1.97 -13.65 -5.76
N LEU A 161 -2.39 -12.41 -5.94
CA LEU A 161 -2.95 -11.62 -4.85
C LEU A 161 -4.16 -12.18 -4.11
N GLY A 162 -5.08 -12.77 -4.85
CA GLY A 162 -6.28 -13.34 -4.23
C GLY A 162 -5.96 -14.42 -3.21
N PRO A 163 -5.29 -15.50 -3.62
CA PRO A 163 -4.92 -16.59 -2.72
C PRO A 163 -4.02 -16.14 -1.56
N LEU A 164 -3.16 -15.17 -1.82
CA LEU A 164 -2.27 -14.64 -0.78
C LEU A 164 -3.10 -13.88 0.26
N MET A 165 -3.97 -12.99 -0.20
CA MET A 165 -4.78 -12.18 0.70
C MET A 165 -5.73 -13.03 1.54
N VAL A 166 -6.33 -14.03 0.92
CA VAL A 166 -7.27 -14.89 1.64
C VAL A 166 -6.60 -15.82 2.65
N THR A 167 -5.50 -16.46 2.25
CA THR A 167 -4.82 -17.36 3.17
C THR A 167 -4.27 -16.59 4.37
N GLU A 168 -3.94 -15.31 4.15
CA GLU A 168 -3.44 -14.50 5.24
C GLU A 168 -4.60 -14.17 6.18
N ALA A 169 -5.74 -13.83 5.58
CA ALA A 169 -6.92 -13.48 6.36
C ALA A 169 -7.54 -14.63 7.14
N LEU A 170 -7.43 -15.84 6.59
CA LEU A 170 -8.03 -17.02 7.22
C LEU A 170 -7.00 -17.96 7.85
N LYS A 171 -5.89 -17.41 8.30
CA LYS A 171 -4.84 -18.21 8.92
C LYS A 171 -5.34 -19.02 10.11
N PRO A 172 -6.28 -18.47 10.91
CA PRO A 172 -6.78 -19.23 12.07
C PRO A 172 -7.50 -20.53 11.71
N TYR A 173 -7.81 -20.72 10.44
CA TYR A 173 -8.50 -21.93 10.00
C TYR A 173 -7.58 -22.89 9.27
N SER A 174 -6.28 -22.69 9.39
CA SER A 174 -5.29 -23.53 8.70
C SER A 174 -4.73 -24.71 9.49
N SER A 175 -5.45 -25.16 10.51
CA SER A 175 -4.99 -26.28 11.31
C SER A 175 -4.93 -27.56 10.47
N GLY A 176 -3.77 -28.22 10.46
CA GLY A 176 -3.63 -29.45 9.71
C GLY A 176 -3.09 -29.29 8.29
N GLY A 177 -3.33 -28.15 7.68
CA GLY A 177 -2.83 -27.94 6.32
C GLY A 177 -1.36 -27.63 6.28
N PRO A 178 -0.71 -27.80 5.11
CA PRO A 178 0.73 -27.51 4.99
C PRO A 178 0.95 -26.00 4.90
N ARG A 179 2.19 -25.56 5.00
CA ARG A 179 2.49 -24.15 4.91
C ARG A 179 2.30 -23.71 3.46
N VAL A 180 1.90 -22.46 3.25
CA VAL A 180 1.71 -21.96 1.91
C VAL A 180 2.65 -20.79 1.63
N TRP A 181 3.23 -20.77 0.44
CA TRP A 181 4.15 -19.71 0.05
C TRP A 181 3.68 -19.11 -1.27
N PHE A 182 3.92 -17.82 -1.46
CA PHE A 182 3.52 -17.18 -2.71
C PHE A 182 4.70 -16.47 -3.34
N VAL A 183 5.02 -16.86 -4.58
CA VAL A 183 6.12 -16.25 -5.32
C VAL A 183 5.47 -15.60 -6.53
N SER A 184 5.78 -14.35 -6.79
CA SER A 184 5.15 -13.65 -7.89
C SER A 184 6.07 -12.75 -8.70
N ASN A 185 6.90 -11.99 -8.01
CA ASN A 185 7.81 -11.06 -8.69
C ASN A 185 8.84 -11.81 -9.53
N ILE A 186 9.22 -11.25 -10.67
CA ILE A 186 10.23 -11.87 -11.51
C ILE A 186 11.55 -11.62 -10.80
N ASP A 187 11.61 -10.57 -9.98
CA ASP A 187 12.81 -10.23 -9.21
C ASP A 187 13.30 -11.51 -8.52
N GLY A 188 14.49 -11.97 -8.94
CA GLY A 188 15.08 -13.18 -8.41
C GLY A 188 15.08 -13.35 -6.91
N THR A 189 15.04 -12.24 -6.20
CA THR A 189 15.02 -12.25 -4.74
C THR A 189 13.82 -13.02 -4.22
N HIS A 190 12.68 -12.88 -4.89
CA HIS A 190 11.46 -13.55 -4.43
C HIS A 190 11.57 -15.07 -4.40
N ILE A 191 11.87 -15.69 -5.54
CA ILE A 191 11.95 -17.14 -5.53
C ILE A 191 13.15 -17.62 -4.71
N ALA A 192 14.28 -16.90 -4.79
CA ALA A 192 15.48 -17.28 -4.05
C ALA A 192 15.30 -17.40 -2.54
N LYS A 193 14.73 -16.38 -1.92
CA LYS A 193 14.54 -16.43 -0.46
C LYS A 193 13.45 -17.40 -0.05
N THR A 194 12.60 -17.78 -0.99
CA THR A 194 11.53 -18.71 -0.70
C THR A 194 12.02 -20.15 -0.75
N LEU A 195 12.82 -20.45 -1.77
CA LEU A 195 13.36 -21.81 -1.94
C LEU A 195 14.44 -22.14 -0.92
N ALA A 196 15.09 -21.12 -0.37
CA ALA A 196 16.15 -21.31 0.60
C ALA A 196 15.65 -21.93 1.90
N CYS A 197 14.35 -21.89 2.12
CA CYS A 197 13.75 -22.42 3.34
C CYS A 197 13.09 -23.79 3.13
N LEU A 198 12.91 -24.17 1.88
CA LEU A 198 12.25 -25.42 1.53
C LEU A 198 13.15 -26.65 1.38
N ASN A 199 12.50 -27.80 1.40
CA ASN A 199 13.14 -29.09 1.21
C ASN A 199 12.50 -29.66 -0.05
N PRO A 200 13.28 -29.81 -1.13
CA PRO A 200 12.74 -30.33 -2.39
C PRO A 200 11.84 -31.55 -2.24
N GLU A 201 12.20 -32.44 -1.31
CA GLU A 201 11.45 -33.68 -1.08
C GLU A 201 10.02 -33.50 -0.59
N SER A 202 9.76 -32.47 0.22
CA SER A 202 8.41 -32.27 0.73
C SER A 202 7.77 -30.94 0.31
N SER A 203 8.12 -30.47 -0.88
CA SER A 203 7.58 -29.22 -1.40
C SER A 203 6.81 -29.43 -2.70
N LEU A 204 5.60 -28.91 -2.76
CA LEU A 204 4.77 -29.04 -3.96
C LEU A 204 4.50 -27.67 -4.56
N PHE A 205 4.81 -27.51 -5.84
CA PHE A 205 4.61 -26.25 -6.53
C PHE A 205 3.31 -26.21 -7.34
N ILE A 206 2.66 -25.06 -7.32
CA ILE A 206 1.44 -24.84 -8.08
C ILE A 206 1.71 -23.69 -9.03
N ILE A 207 1.73 -23.99 -10.32
CA ILE A 207 1.97 -22.96 -11.33
C ILE A 207 0.60 -22.40 -11.73
N ALA A 208 0.33 -21.16 -11.32
CA ALA A 208 -0.94 -20.52 -11.60
C ALA A 208 -0.83 -19.46 -12.70
N SER A 209 -1.42 -19.80 -13.83
CA SER A 209 -1.43 -18.93 -15.02
C SER A 209 -2.61 -19.29 -15.93
N LYS A 210 -3.46 -18.31 -16.11
CA LYS A 210 -4.65 -18.44 -16.96
C LYS A 210 -4.24 -18.80 -18.39
N THR A 211 -3.25 -18.07 -18.88
CA THR A 211 -2.75 -18.26 -20.24
C THR A 211 -1.56 -19.21 -20.26
N PHE A 212 -0.81 -19.21 -19.17
CA PHE A 212 0.39 -20.04 -19.03
C PHE A 212 1.50 -19.57 -19.97
N THR A 213 1.51 -18.27 -20.27
CA THR A 213 2.53 -17.69 -21.13
C THR A 213 3.15 -16.44 -20.51
N THR A 214 2.67 -16.07 -19.33
CA THR A 214 3.20 -14.89 -18.65
C THR A 214 4.67 -15.10 -18.32
N GLN A 215 5.51 -14.17 -18.79
CA GLN A 215 6.95 -14.27 -18.58
C GLN A 215 7.35 -14.48 -17.13
N GLU A 216 6.83 -13.64 -16.23
CA GLU A 216 7.18 -13.78 -14.81
C GLU A 216 6.91 -15.18 -14.27
N THR A 217 5.67 -15.63 -14.43
CA THR A 217 5.26 -16.94 -13.92
C THR A 217 6.02 -18.09 -14.58
N ILE A 218 6.07 -18.09 -15.91
CA ILE A 218 6.77 -19.16 -16.62
C ILE A 218 8.23 -19.25 -16.18
N THR A 219 8.90 -18.10 -16.10
CA THR A 219 10.31 -18.07 -15.71
C THR A 219 10.51 -18.57 -14.27
N ASN A 220 9.69 -18.09 -13.33
CA ASN A 220 9.81 -18.55 -11.95
C ASN A 220 9.57 -20.06 -11.89
N ALA A 221 8.63 -20.52 -12.71
CA ALA A 221 8.29 -21.94 -12.75
C ALA A 221 9.47 -22.78 -13.21
N LYS A 222 10.19 -22.29 -14.22
CA LYS A 222 11.35 -23.00 -14.75
C LYS A 222 12.48 -23.01 -13.73
N THR A 223 12.68 -21.88 -13.06
CA THR A 223 13.72 -21.76 -12.05
C THR A 223 13.42 -22.69 -10.87
N ALA A 224 12.14 -22.84 -10.55
CA ALA A 224 11.71 -23.69 -9.44
C ALA A 224 12.04 -25.16 -9.76
N LYS A 225 11.71 -25.56 -10.99
CA LYS A 225 11.97 -26.91 -11.44
C LYS A 225 13.48 -27.17 -11.38
N ASP A 226 14.26 -26.16 -11.75
CA ASP A 226 15.72 -26.27 -11.72
C ASP A 226 16.19 -26.54 -10.30
N TRP A 227 15.77 -25.70 -9.37
CA TRP A 227 16.14 -25.84 -7.97
C TRP A 227 15.81 -27.25 -7.48
N PHE A 228 14.68 -27.77 -7.93
CA PHE A 228 14.23 -29.10 -7.54
C PHE A 228 15.07 -30.25 -8.11
N LEU A 229 15.53 -30.10 -9.32
CA LEU A 229 16.26 -31.19 -10.01
C LEU A 229 17.74 -31.31 -9.60
N LEU A 230 18.30 -30.27 -9.02
CA LEU A 230 19.72 -30.33 -8.62
C LEU A 230 19.84 -30.90 -7.20
N SER A 231 18.73 -31.55 -6.82
CA SER A 231 18.54 -32.19 -5.51
C SER A 231 17.92 -33.58 -5.69
N ALA A 232 17.58 -33.83 -6.94
CA ALA A 232 17.00 -35.10 -7.40
C ALA A 232 17.34 -35.25 -8.87
N LYS A 233 16.44 -35.85 -9.61
CA LYS A 233 16.63 -36.00 -11.06
C LYS A 233 15.52 -36.88 -11.65
N ASP A 234 15.57 -36.99 -12.97
CA ASP A 234 14.54 -37.70 -13.75
C ASP A 234 13.33 -36.77 -13.81
N PRO A 235 13.23 -36.05 -14.93
CA PRO A 235 12.21 -35.04 -15.16
C PRO A 235 10.84 -35.60 -15.03
N SER A 236 10.80 -36.86 -14.68
CA SER A 236 9.54 -37.59 -14.49
C SER A 236 8.98 -37.28 -13.09
N THR A 237 9.88 -37.25 -12.13
CA THR A 237 9.55 -37.00 -10.72
C THR A 237 8.85 -35.66 -10.54
N VAL A 238 8.97 -34.80 -11.55
CA VAL A 238 8.35 -33.47 -11.51
C VAL A 238 6.85 -33.63 -11.28
N ALA A 239 6.27 -34.67 -11.86
CA ALA A 239 4.85 -34.95 -11.74
C ALA A 239 4.38 -35.05 -10.30
N LYS A 240 5.29 -35.39 -9.39
CA LYS A 240 4.94 -35.52 -7.99
C LYS A 240 5.14 -34.22 -7.21
N HIS A 241 5.69 -33.21 -7.88
CA HIS A 241 5.96 -31.93 -7.21
C HIS A 241 5.45 -30.68 -7.89
N PHE A 242 4.87 -30.82 -9.08
CA PHE A 242 4.34 -29.67 -9.79
C PHE A 242 2.94 -29.92 -10.35
N VAL A 243 2.05 -28.96 -10.14
CA VAL A 243 0.68 -29.04 -10.64
C VAL A 243 0.34 -27.68 -11.23
N ALA A 244 -0.67 -27.61 -12.09
CA ALA A 244 -1.01 -26.34 -12.71
C ALA A 244 -2.49 -25.92 -12.66
N LEU A 245 -2.70 -24.60 -12.71
CA LEU A 245 -4.03 -24.01 -12.70
C LEU A 245 -4.05 -23.12 -13.93
N SER A 246 -4.73 -23.57 -14.98
CA SER A 246 -4.77 -22.80 -16.22
C SER A 246 -5.96 -23.11 -17.11
N THR A 247 -6.03 -22.42 -18.25
CA THR A 247 -7.10 -22.62 -19.22
C THR A 247 -6.43 -23.08 -20.52
N ASN A 248 -5.10 -23.15 -20.49
CA ASN A 248 -4.30 -23.56 -21.64
C ASN A 248 -3.70 -24.95 -21.45
N THR A 249 -4.54 -25.98 -21.55
CA THR A 249 -4.10 -27.36 -21.37
C THR A 249 -2.79 -27.72 -22.08
N ALA A 250 -2.78 -27.56 -23.39
CA ALA A 250 -1.60 -27.89 -24.20
C ALA A 250 -0.28 -27.32 -23.71
N LYS A 251 -0.15 -26.00 -23.71
CA LYS A 251 1.10 -25.38 -23.28
C LYS A 251 1.46 -25.70 -21.83
N VAL A 252 0.51 -26.20 -21.06
CA VAL A 252 0.77 -26.58 -19.67
C VAL A 252 1.42 -27.95 -19.67
N LYS A 253 1.17 -28.71 -20.73
CA LYS A 253 1.73 -30.05 -20.86
C LYS A 253 3.17 -30.02 -21.36
N GLU A 254 3.44 -29.18 -22.35
CA GLU A 254 4.80 -29.09 -22.89
C GLU A 254 5.78 -28.53 -21.86
N PHE A 255 5.31 -28.35 -20.64
CA PHE A 255 6.14 -27.85 -19.55
C PHE A 255 6.62 -29.03 -18.71
N GLY A 256 5.72 -29.96 -18.44
CA GLY A 256 6.07 -31.13 -17.64
C GLY A 256 4.95 -31.55 -16.70
N ILE A 257 3.79 -30.91 -16.84
CA ILE A 257 2.64 -31.24 -16.01
C ILE A 257 1.53 -31.86 -16.84
N ASP A 258 1.32 -33.16 -16.66
CA ASP A 258 0.29 -33.89 -17.39
C ASP A 258 -1.08 -33.28 -17.11
N PRO A 259 -1.97 -33.27 -18.11
CA PRO A 259 -3.31 -32.70 -17.94
C PRO A 259 -4.02 -33.30 -16.75
N GLN A 260 -3.46 -34.38 -16.21
CA GLN A 260 -4.01 -35.07 -15.06
C GLN A 260 -3.99 -34.12 -13.87
N ASN A 261 -2.85 -33.47 -13.67
CA ASN A 261 -2.68 -32.54 -12.55
C ASN A 261 -2.99 -31.10 -12.93
N MET A 262 -3.92 -30.90 -13.87
CA MET A 262 -4.28 -29.56 -14.29
C MET A 262 -5.71 -29.23 -13.87
N PHE A 263 -5.85 -28.14 -13.12
CA PHE A 263 -7.15 -27.68 -12.65
C PHE A 263 -7.48 -26.41 -13.44
N GLU A 264 -8.39 -26.55 -14.37
CA GLU A 264 -8.72 -25.46 -15.29
C GLU A 264 -9.89 -24.60 -14.82
N PHE A 265 -9.91 -23.42 -15.45
CA PHE A 265 -10.99 -22.42 -15.34
C PHE A 265 -11.26 -21.95 -16.76
N TRP A 266 -12.05 -20.91 -16.92
CA TRP A 266 -12.43 -20.48 -18.28
C TRP A 266 -12.18 -18.99 -18.50
N ASP A 267 -12.35 -18.61 -19.76
CA ASP A 267 -12.08 -17.24 -20.20
C ASP A 267 -13.02 -16.23 -19.53
N TRP A 268 -14.22 -16.67 -19.14
CA TRP A 268 -15.13 -15.74 -18.47
C TRP A 268 -14.75 -15.58 -17.00
N VAL A 269 -13.54 -16.01 -16.67
CA VAL A 269 -13.01 -15.89 -15.31
C VAL A 269 -11.88 -14.87 -15.32
N GLY A 270 -12.19 -13.62 -15.02
CA GLY A 270 -11.18 -12.59 -15.00
C GLY A 270 -10.15 -12.89 -13.93
N GLY A 271 -8.88 -12.60 -14.21
CA GLY A 271 -7.83 -12.89 -13.23
C GLY A 271 -8.08 -12.25 -11.88
N ARG A 272 -8.46 -10.97 -11.90
CA ARG A 272 -8.72 -10.23 -10.67
C ARG A 272 -10.04 -10.66 -10.00
N TYR A 273 -10.65 -11.67 -10.58
CA TYR A 273 -11.92 -12.24 -10.07
C TYR A 273 -11.85 -13.77 -10.11
N SER A 274 -10.65 -14.31 -9.91
CA SER A 274 -10.44 -15.77 -10.09
C SER A 274 -10.17 -16.58 -8.79
N LEU A 275 -9.97 -15.95 -7.66
CA LEU A 275 -9.65 -16.73 -6.43
C LEU A 275 -10.75 -17.73 -6.10
N TRP A 276 -11.92 -17.53 -6.71
CA TRP A 276 -13.08 -18.41 -6.49
C TRP A 276 -13.02 -19.65 -7.37
N SER A 277 -12.09 -19.65 -8.34
CA SER A 277 -11.93 -20.76 -9.27
C SER A 277 -10.81 -21.68 -8.83
N ALA A 278 -10.24 -22.40 -9.80
CA ALA A 278 -9.13 -23.30 -9.52
C ALA A 278 -7.96 -22.50 -8.93
N ILE A 279 -7.90 -21.21 -9.26
CA ILE A 279 -6.85 -20.34 -8.75
C ILE A 279 -6.82 -20.40 -7.23
N GLY A 280 -7.96 -20.73 -6.63
CA GLY A 280 -8.05 -20.79 -5.18
C GLY A 280 -7.54 -22.08 -4.55
N LEU A 281 -6.93 -22.96 -5.35
CA LEU A 281 -6.43 -24.23 -4.82
C LEU A 281 -5.55 -24.09 -3.58
N SER A 282 -4.66 -23.09 -3.58
CA SER A 282 -3.78 -22.90 -2.42
C SER A 282 -4.60 -22.57 -1.18
N ILE A 283 -5.77 -21.96 -1.40
CA ILE A 283 -6.66 -21.61 -0.29
C ILE A 283 -7.26 -22.90 0.27
N ALA A 284 -7.80 -23.74 -0.60
CA ALA A 284 -8.40 -25.00 -0.17
C ALA A 284 -7.35 -25.86 0.52
N LEU A 285 -6.13 -25.86 -0.01
CA LEU A 285 -5.04 -26.65 0.58
C LEU A 285 -4.64 -26.17 1.97
N HIS A 286 -4.79 -24.89 2.22
CA HIS A 286 -4.39 -24.30 3.49
C HIS A 286 -5.45 -24.36 4.59
N VAL A 287 -6.71 -24.15 4.24
CA VAL A 287 -7.78 -24.15 5.25
C VAL A 287 -8.77 -25.30 5.11
N GLY A 288 -8.58 -26.14 4.10
CA GLY A 288 -9.49 -27.26 3.89
C GLY A 288 -10.59 -26.91 2.91
N PHE A 289 -11.22 -27.93 2.33
CA PHE A 289 -12.26 -27.66 1.34
C PHE A 289 -13.60 -27.19 1.93
N ASP A 290 -13.89 -27.57 3.17
CA ASP A 290 -15.14 -27.13 3.78
C ASP A 290 -15.09 -25.61 3.97
N ASN A 291 -13.94 -25.11 4.40
CA ASN A 291 -13.79 -23.67 4.61
C ASN A 291 -13.84 -22.94 3.28
N PHE A 292 -13.25 -23.55 2.24
CA PHE A 292 -13.24 -22.96 0.91
C PHE A 292 -14.68 -22.84 0.42
N GLU A 293 -15.50 -23.86 0.72
CA GLU A 293 -16.89 -23.85 0.30
C GLU A 293 -17.64 -22.78 1.08
N GLN A 294 -17.22 -22.55 2.32
CA GLN A 294 -17.84 -21.52 3.15
C GLN A 294 -17.53 -20.17 2.51
N LEU A 295 -16.30 -20.01 2.02
CA LEU A 295 -15.89 -18.77 1.37
C LEU A 295 -16.76 -18.52 0.15
N LEU A 296 -16.95 -19.56 -0.67
CA LEU A 296 -17.76 -19.46 -1.87
C LEU A 296 -19.21 -19.17 -1.51
N SER A 297 -19.68 -19.85 -0.46
CA SER A 297 -21.05 -19.67 0.02
C SER A 297 -21.26 -18.22 0.42
N GLY A 298 -20.25 -17.64 1.06
CA GLY A 298 -20.33 -16.26 1.49
C GLY A 298 -20.53 -15.32 0.31
N ALA A 299 -19.74 -15.52 -0.73
CA ALA A 299 -19.85 -14.68 -1.92
C ALA A 299 -21.22 -14.91 -2.58
N HIS A 300 -21.67 -16.15 -2.58
CA HIS A 300 -22.96 -16.48 -3.19
C HIS A 300 -24.11 -15.74 -2.50
N TRP A 301 -24.03 -15.60 -1.19
CA TRP A 301 -25.09 -14.90 -0.46
C TRP A 301 -25.10 -13.45 -0.91
N MET A 302 -23.93 -12.82 -0.96
CA MET A 302 -23.85 -11.42 -1.38
C MET A 302 -24.33 -11.25 -2.81
N ASP A 303 -24.06 -12.24 -3.66
CA ASP A 303 -24.51 -12.15 -5.06
C ASP A 303 -26.03 -12.07 -5.11
N GLN A 304 -26.67 -12.92 -4.31
CA GLN A 304 -28.13 -12.95 -4.25
C GLN A 304 -28.68 -11.66 -3.64
N HIS A 305 -27.98 -11.11 -2.67
CA HIS A 305 -28.39 -9.84 -2.05
C HIS A 305 -28.38 -8.78 -3.14
N PHE A 306 -27.27 -8.73 -3.88
CA PHE A 306 -27.10 -7.76 -4.96
C PHE A 306 -28.14 -7.91 -6.06
N ARG A 307 -28.51 -9.16 -6.36
CA ARG A 307 -29.46 -9.43 -7.41
C ARG A 307 -30.95 -9.26 -7.07
N THR A 308 -31.31 -9.50 -5.82
CA THR A 308 -32.72 -9.42 -5.43
C THR A 308 -33.17 -8.24 -4.57
N THR A 309 -32.22 -7.43 -4.12
CA THR A 309 -32.55 -6.30 -3.25
C THR A 309 -32.82 -4.96 -3.93
N PRO A 310 -33.93 -4.30 -3.57
CA PRO A 310 -34.26 -3.00 -4.17
C PRO A 310 -33.07 -2.06 -3.98
N LEU A 311 -32.68 -1.33 -5.02
CA LEU A 311 -31.53 -0.43 -4.96
C LEU A 311 -31.35 0.38 -3.67
N GLU A 312 -32.42 0.99 -3.17
CA GLU A 312 -32.36 1.81 -1.95
C GLU A 312 -31.80 1.06 -0.75
N LYS A 313 -31.81 -0.26 -0.80
CA LYS A 313 -31.34 -1.08 0.30
C LYS A 313 -30.30 -2.10 -0.17
N ASN A 314 -29.72 -1.83 -1.34
CA ASN A 314 -28.74 -2.71 -1.94
C ASN A 314 -27.32 -2.26 -1.55
N ALA A 315 -26.64 -3.10 -0.76
CA ALA A 315 -25.29 -2.78 -0.28
C ALA A 315 -24.29 -2.34 -1.34
N PRO A 316 -24.00 -3.19 -2.33
CA PRO A 316 -23.04 -2.84 -3.38
C PRO A 316 -23.41 -1.58 -4.16
N VAL A 317 -24.70 -1.38 -4.37
CA VAL A 317 -25.16 -0.21 -5.10
C VAL A 317 -25.00 1.07 -4.29
N LEU A 318 -25.28 1.00 -2.99
CA LEU A 318 -25.17 2.14 -2.10
C LEU A 318 -23.70 2.57 -2.04
N LEU A 319 -22.81 1.60 -1.86
CA LEU A 319 -21.37 1.88 -1.81
C LEU A 319 -20.91 2.49 -3.13
N ALA A 320 -21.40 1.94 -4.24
CA ALA A 320 -21.02 2.45 -5.56
C ALA A 320 -21.46 3.88 -5.78
N MET A 321 -22.74 4.17 -5.56
CA MET A 321 -23.24 5.52 -5.76
C MET A 321 -22.63 6.54 -4.82
N LEU A 322 -22.29 6.13 -3.59
CA LEU A 322 -21.66 7.07 -2.69
C LEU A 322 -20.30 7.41 -3.29
N GLY A 323 -19.67 6.41 -3.92
CA GLY A 323 -18.38 6.62 -4.56
C GLY A 323 -18.50 7.56 -5.74
N ILE A 324 -19.53 7.37 -6.56
CA ILE A 324 -19.76 8.22 -7.73
C ILE A 324 -19.89 9.68 -7.27
N TRP A 325 -20.64 9.86 -6.18
CA TRP A 325 -20.86 11.17 -5.58
C TRP A 325 -19.52 11.86 -5.30
N TYR A 326 -18.65 11.20 -4.55
CA TYR A 326 -17.34 11.77 -4.23
C TYR A 326 -16.40 11.92 -5.42
N ILE A 327 -16.44 10.97 -6.35
CA ILE A 327 -15.57 11.03 -7.52
C ILE A 327 -16.00 12.06 -8.56
N ASN A 328 -17.25 11.97 -9.00
CA ASN A 328 -17.75 12.85 -10.05
C ASN A 328 -18.28 14.21 -9.65
N CYS A 329 -18.69 14.36 -8.39
CA CYS A 329 -19.21 15.65 -7.92
C CYS A 329 -18.20 16.38 -7.02
N PHE A 330 -17.51 15.65 -6.15
CA PHE A 330 -16.53 16.28 -5.27
C PHE A 330 -15.10 16.19 -5.80
N GLY A 331 -14.91 15.42 -6.87
CA GLY A 331 -13.59 15.27 -7.48
C GLY A 331 -12.50 14.55 -6.70
N CYS A 332 -12.87 13.69 -5.76
CA CYS A 332 -11.87 12.97 -4.96
C CYS A 332 -11.14 11.91 -5.79
N GLU A 333 -9.82 12.03 -5.88
CA GLU A 333 -9.03 11.08 -6.65
C GLU A 333 -8.88 9.72 -5.99
N THR A 334 -8.95 9.66 -4.66
CA THR A 334 -8.73 8.38 -3.98
C THR A 334 -9.84 7.83 -3.10
N GLN A 335 -9.68 6.56 -2.76
CA GLN A 335 -10.60 5.80 -1.90
C GLN A 335 -9.72 5.00 -0.95
N ALA A 336 -9.81 5.28 0.35
CA ALA A 336 -9.00 4.55 1.35
C ALA A 336 -9.74 3.37 1.95
N VAL A 337 -9.03 2.26 2.16
CA VAL A 337 -9.63 1.06 2.75
C VAL A 337 -8.82 0.76 4.01
N LEU A 338 -9.47 0.90 5.14
CA LEU A 338 -8.78 0.77 6.44
C LEU A 338 -9.37 -0.33 7.33
N PRO A 339 -9.04 -1.61 7.06
CA PRO A 339 -9.47 -2.71 7.91
C PRO A 339 -8.76 -2.66 9.24
N TYR A 340 -9.53 -2.76 10.32
CA TYR A 340 -8.93 -2.79 11.67
C TYR A 340 -8.78 -4.25 12.09
N ASP A 341 -7.89 -4.91 11.37
CA ASP A 341 -7.61 -6.34 11.54
C ASP A 341 -6.28 -6.72 10.88
N GLN A 342 -5.34 -7.18 11.70
CA GLN A 342 -4.00 -7.57 11.21
C GLN A 342 -4.09 -8.67 10.16
N TYR A 343 -5.04 -9.58 10.30
CA TYR A 343 -5.17 -10.65 9.32
C TYR A 343 -5.54 -10.11 7.92
N LEU A 344 -6.17 -8.94 7.87
CA LEU A 344 -6.55 -8.34 6.60
C LEU A 344 -5.50 -7.34 6.09
N HIS A 345 -4.24 -7.56 6.45
CA HIS A 345 -3.17 -6.66 6.02
C HIS A 345 -2.93 -6.58 4.49
N ARG A 346 -3.47 -7.52 3.72
CA ARG A 346 -3.31 -7.46 2.25
C ARG A 346 -4.65 -7.17 1.57
N PHE A 347 -5.68 -6.89 2.37
CA PHE A 347 -7.03 -6.61 1.87
C PHE A 347 -7.08 -5.37 0.97
N ALA A 348 -6.56 -4.26 1.47
CA ALA A 348 -6.56 -3.02 0.71
C ALA A 348 -5.77 -3.21 -0.58
N ALA A 349 -4.65 -3.91 -0.50
CA ALA A 349 -3.83 -4.16 -1.69
C ALA A 349 -4.58 -5.01 -2.72
N TYR A 350 -5.43 -5.92 -2.25
CA TYR A 350 -6.20 -6.79 -3.15
C TYR A 350 -7.16 -5.98 -4.02
N PHE A 351 -7.89 -5.05 -3.39
CA PHE A 351 -8.84 -4.23 -4.13
C PHE A 351 -8.18 -3.07 -4.86
N GLN A 352 -6.93 -2.81 -4.51
CA GLN A 352 -6.19 -1.78 -5.21
C GLN A 352 -6.10 -2.31 -6.64
N GLN A 353 -5.90 -3.62 -6.77
CA GLN A 353 -5.85 -4.25 -8.08
C GLN A 353 -7.27 -4.42 -8.62
N GLY A 354 -8.11 -5.08 -7.84
CA GLY A 354 -9.48 -5.32 -8.26
C GLY A 354 -10.21 -4.10 -8.79
N ASP A 355 -10.12 -2.99 -8.06
CA ASP A 355 -10.78 -1.74 -8.44
C ASP A 355 -10.10 -1.00 -9.59
N MET A 356 -8.81 -0.71 -9.41
CA MET A 356 -8.05 0.04 -10.40
C MET A 356 -7.86 -0.65 -11.76
N GLU A 357 -7.66 -1.96 -11.74
CA GLU A 357 -7.47 -2.67 -13.01
C GLU A 357 -8.82 -2.78 -13.73
N SER A 358 -9.89 -2.74 -12.95
CA SER A 358 -11.23 -2.83 -13.52
C SER A 358 -11.67 -1.49 -14.09
N ASN A 359 -11.73 -0.47 -13.25
CA ASN A 359 -12.22 0.83 -13.68
C ASN A 359 -11.23 1.93 -14.04
N GLY A 360 -9.95 1.59 -14.21
CA GLY A 360 -8.97 2.58 -14.61
C GLY A 360 -9.01 2.63 -16.12
N LYS A 361 -10.11 3.17 -16.66
CA LYS A 361 -10.33 3.23 -18.10
C LYS A 361 -10.78 4.63 -18.54
N TYR A 362 -10.70 4.91 -19.84
CA TYR A 362 -11.12 6.21 -20.35
C TYR A 362 -11.95 6.12 -21.64
N ILE A 363 -12.22 4.91 -22.10
CA ILE A 363 -13.01 4.71 -23.32
C ILE A 363 -14.31 3.96 -22.99
N THR A 364 -15.46 4.53 -23.38
CA THR A 364 -16.75 3.89 -23.10
C THR A 364 -16.94 2.66 -23.99
N LYS A 365 -17.97 1.88 -23.70
CA LYS A 365 -18.24 0.68 -24.49
C LYS A 365 -18.78 1.02 -25.87
N SER A 366 -19.02 2.31 -26.10
CA SER A 366 -19.52 2.77 -27.40
C SER A 366 -18.35 3.29 -28.21
N GLY A 367 -17.19 3.37 -27.58
CA GLY A 367 -15.99 3.86 -28.25
C GLY A 367 -15.67 5.32 -28.00
N ALA A 368 -16.53 6.00 -27.22
CA ALA A 368 -16.31 7.42 -26.93
C ALA A 368 -15.33 7.63 -25.79
N ARG A 369 -14.51 8.68 -25.88
CA ARG A 369 -13.55 8.98 -24.82
C ARG A 369 -14.32 9.66 -23.69
N VAL A 370 -14.11 9.19 -22.48
CA VAL A 370 -14.84 9.71 -21.30
C VAL A 370 -14.72 11.24 -21.19
N ASP A 371 -15.82 11.78 -20.71
CA ASP A 371 -16.06 13.21 -20.53
C ASP A 371 -16.02 13.54 -19.02
N HIS A 372 -15.55 12.56 -18.26
CA HIS A 372 -15.53 12.67 -16.79
C HIS A 372 -14.51 11.72 -16.16
N GLN A 373 -14.42 11.77 -14.83
CA GLN A 373 -13.52 10.89 -14.07
C GLN A 373 -14.07 9.48 -13.96
N THR A 374 -13.17 8.50 -13.86
CA THR A 374 -13.60 7.12 -13.68
C THR A 374 -13.03 6.59 -12.36
N GLY A 375 -12.47 5.38 -12.38
CA GLY A 375 -11.86 4.70 -11.29
C GLY A 375 -10.86 5.51 -10.44
N PRO A 376 -11.14 5.64 -9.12
CA PRO A 376 -10.22 6.28 -8.17
C PRO A 376 -8.98 5.43 -7.92
N ILE A 377 -8.02 6.01 -7.19
CA ILE A 377 -6.79 5.31 -6.72
C ILE A 377 -7.16 4.73 -5.36
N VAL A 378 -7.01 3.41 -5.20
CA VAL A 378 -7.36 2.74 -3.96
C VAL A 378 -6.10 2.45 -3.14
N TRP A 379 -6.17 2.67 -1.82
CA TRP A 379 -5.03 2.46 -0.96
C TRP A 379 -5.41 2.31 0.51
N GLY A 380 -4.46 1.85 1.33
CA GLY A 380 -4.72 1.70 2.75
C GLY A 380 -3.78 0.72 3.46
N GLU A 381 -3.80 0.83 4.78
CA GLU A 381 -3.04 -0.02 5.70
C GLU A 381 -3.91 -0.33 6.93
N PRO A 382 -3.80 -1.50 7.55
CA PRO A 382 -4.64 -1.85 8.71
C PRO A 382 -4.47 -0.90 9.87
N GLY A 383 -5.58 -0.81 10.61
CA GLY A 383 -5.72 0.03 11.83
C GLY A 383 -5.32 -0.75 13.03
N THR A 384 -4.79 -0.22 14.14
CA THR A 384 -4.79 1.26 14.35
C THR A 384 -3.58 1.99 13.72
N ASN A 385 -2.54 1.23 13.44
CA ASN A 385 -1.24 1.71 12.90
C ASN A 385 -1.34 3.06 12.16
N GLY A 386 -2.06 3.13 11.00
CA GLY A 386 -2.22 4.31 10.17
C GLY A 386 -2.50 5.56 11.00
N GLN A 387 -3.11 5.39 12.17
CA GLN A 387 -3.43 6.51 13.05
C GLN A 387 -2.17 7.26 13.48
N HIS A 388 -1.06 6.55 13.49
CA HIS A 388 0.22 7.12 13.91
C HIS A 388 1.01 7.59 12.70
N ALA A 389 0.40 7.50 11.52
CA ALA A 389 1.07 7.87 10.28
C ALA A 389 0.26 8.80 9.38
N PHE A 390 -0.22 8.24 8.28
CA PHE A 390 -0.91 9.03 7.24
C PHE A 390 -2.27 9.60 7.67
N TYR A 391 -2.78 9.19 8.82
CA TYR A 391 -4.07 9.73 9.29
C TYR A 391 -3.95 11.25 9.51
N GLN A 392 -2.71 11.67 9.77
CA GLN A 392 -2.41 13.10 9.98
C GLN A 392 -2.97 13.89 8.81
N LEU A 393 -2.71 13.38 7.60
CA LEU A 393 -3.16 14.04 6.39
C LEU A 393 -4.67 13.89 6.20
N ILE A 394 -5.23 12.75 6.59
CA ILE A 394 -6.67 12.56 6.46
C ILE A 394 -7.38 13.60 7.34
N HIS A 395 -6.87 13.80 8.56
CA HIS A 395 -7.43 14.77 9.51
C HIS A 395 -7.14 16.25 9.22
N GLN A 396 -5.90 16.56 8.82
CA GLN A 396 -5.51 17.95 8.59
C GLN A 396 -4.85 18.32 7.26
N GLY A 397 -5.02 17.48 6.25
CA GLY A 397 -4.45 17.77 4.95
C GLY A 397 -5.38 18.63 4.10
N THR A 398 -5.05 18.79 2.83
CA THR A 398 -5.86 19.60 1.92
C THR A 398 -6.66 18.76 0.93
N LYS A 399 -6.76 17.46 1.18
CA LYS A 399 -7.52 16.55 0.31
C LYS A 399 -8.73 15.91 0.98
N MET A 400 -9.79 15.72 0.21
CA MET A 400 -10.96 15.04 0.75
C MET A 400 -10.69 13.58 0.38
N ILE A 401 -10.81 12.70 1.37
CA ILE A 401 -10.51 11.28 1.16
C ILE A 401 -11.57 10.36 1.75
N PRO A 402 -12.47 9.80 0.92
CA PRO A 402 -13.52 8.89 1.43
C PRO A 402 -12.80 7.67 2.03
N CYS A 403 -13.20 7.25 3.23
CA CYS A 403 -12.57 6.11 3.90
C CYS A 403 -13.57 5.03 4.30
N ASP A 404 -13.21 3.77 4.08
CA ASP A 404 -14.05 2.65 4.47
C ASP A 404 -13.32 2.00 5.66
N PHE A 405 -13.92 2.08 6.84
CA PHE A 405 -13.34 1.49 8.05
C PHE A 405 -14.03 0.13 8.24
N LEU A 406 -13.27 -0.94 8.36
CA LEU A 406 -13.85 -2.27 8.56
C LEU A 406 -13.32 -2.93 9.82
N ILE A 407 -14.17 -3.75 10.46
CA ILE A 407 -13.73 -4.41 11.68
C ILE A 407 -14.66 -5.53 12.14
N PRO A 408 -14.08 -6.62 12.68
CA PRO A 408 -14.92 -7.71 13.17
C PRO A 408 -15.25 -7.46 14.63
N VAL A 409 -16.48 -7.77 15.04
CA VAL A 409 -16.89 -7.58 16.41
C VAL A 409 -16.12 -8.55 17.31
N GLN A 410 -16.00 -9.79 16.84
CA GLN A 410 -15.32 -10.84 17.59
C GLN A 410 -13.92 -11.14 17.02
N THR A 411 -12.92 -11.13 17.89
CA THR A 411 -11.55 -11.40 17.47
C THR A 411 -11.21 -12.89 17.50
N GLN A 412 -10.22 -13.26 16.70
CA GLN A 412 -9.79 -14.66 16.65
C GLN A 412 -8.84 -14.93 17.83
N HIS A 413 -8.36 -13.87 18.46
CA HIS A 413 -7.43 -13.99 19.59
C HIS A 413 -7.82 -13.07 20.74
N PRO A 414 -8.81 -13.48 21.55
CA PRO A 414 -9.29 -12.69 22.69
C PRO A 414 -8.35 -12.77 23.89
N ILE A 415 -7.09 -12.39 23.70
CA ILE A 415 -6.14 -12.45 24.78
C ILE A 415 -6.40 -11.39 25.84
N ARG A 416 -5.86 -11.63 27.04
CA ARG A 416 -6.01 -10.70 28.15
C ARG A 416 -7.46 -10.35 28.39
N LYS A 417 -8.31 -11.37 28.31
CA LYS A 417 -9.74 -11.20 28.53
C LYS A 417 -10.39 -10.17 27.62
N GLY A 418 -9.88 -10.08 26.39
CA GLY A 418 -10.41 -9.15 25.40
C GLY A 418 -9.94 -7.71 25.48
N LEU A 419 -8.95 -7.44 26.32
CA LEU A 419 -8.43 -6.08 26.48
C LEU A 419 -7.94 -5.48 25.16
N HIS A 420 -7.16 -6.25 24.41
CA HIS A 420 -6.61 -5.76 23.14
C HIS A 420 -7.73 -5.43 22.14
N HIS A 421 -8.70 -6.32 21.99
CA HIS A 421 -9.77 -6.06 21.04
C HIS A 421 -10.67 -4.91 21.49
N LYS A 422 -10.80 -4.72 22.79
CA LYS A 422 -11.62 -3.63 23.31
C LYS A 422 -10.96 -2.29 22.90
N ILE A 423 -9.64 -2.23 23.03
CA ILE A 423 -8.92 -1.02 22.67
C ILE A 423 -9.01 -0.82 21.14
N LEU A 424 -8.95 -1.91 20.38
CA LEU A 424 -9.02 -1.82 18.91
C LEU A 424 -10.37 -1.26 18.49
N LEU A 425 -11.45 -1.78 19.09
CA LEU A 425 -12.79 -1.31 18.78
C LEU A 425 -12.96 0.16 19.14
N ALA A 426 -12.45 0.55 20.31
CA ALA A 426 -12.56 1.93 20.74
C ALA A 426 -11.93 2.90 19.74
N ASN A 427 -10.76 2.54 19.21
CA ASN A 427 -10.10 3.41 18.22
C ASN A 427 -10.89 3.48 16.92
N PHE A 428 -11.38 2.32 16.47
CA PHE A 428 -12.18 2.21 15.25
C PHE A 428 -13.33 3.22 15.29
N LEU A 429 -14.05 3.22 16.42
CA LEU A 429 -15.21 4.09 16.63
C LEU A 429 -14.84 5.55 16.80
N ALA A 430 -13.83 5.82 17.63
CA ALA A 430 -13.39 7.17 17.90
C ALA A 430 -12.82 7.90 16.68
N GLN A 431 -12.13 7.16 15.81
CA GLN A 431 -11.54 7.77 14.63
C GLN A 431 -12.58 8.33 13.65
N THR A 432 -13.64 7.57 13.38
CA THR A 432 -14.65 8.06 12.43
C THR A 432 -15.49 9.16 13.08
N GLU A 433 -15.65 9.07 14.39
CA GLU A 433 -16.40 10.08 15.11
C GLU A 433 -15.64 11.40 15.00
N ALA A 434 -14.32 11.33 15.16
CA ALA A 434 -13.46 12.50 15.10
C ALA A 434 -13.34 13.11 13.71
N LEU A 435 -13.25 12.26 12.69
CA LEU A 435 -13.14 12.73 11.32
C LEU A 435 -14.39 13.54 10.95
N MET A 436 -15.51 13.13 11.51
CA MET A 436 -16.78 13.79 11.26
C MET A 436 -16.93 15.06 12.08
N LYS A 437 -16.71 14.95 13.39
CA LYS A 437 -16.84 16.09 14.30
C LYS A 437 -15.76 17.15 14.27
N GLY A 438 -14.51 16.72 14.18
CA GLY A 438 -13.41 17.66 14.18
C GLY A 438 -13.35 18.34 15.54
N LYS A 439 -12.68 19.48 15.61
CA LYS A 439 -12.57 20.24 16.85
C LYS A 439 -12.46 21.71 16.49
N SER A 440 -13.52 22.47 16.77
CA SER A 440 -13.55 23.88 16.42
C SER A 440 -12.50 24.73 17.13
N THR A 441 -12.30 25.93 16.57
CA THR A 441 -11.35 26.87 17.12
C THR A 441 -11.70 27.14 18.57
N GLU A 442 -12.99 27.29 18.85
CA GLU A 442 -13.46 27.57 20.19
C GLU A 442 -13.13 26.44 21.17
N GLU A 443 -13.36 25.20 20.74
CA GLU A 443 -13.07 24.05 21.59
C GLU A 443 -11.57 23.96 21.86
N ALA A 444 -10.76 24.16 20.82
CA ALA A 444 -9.31 24.09 20.96
C ALA A 444 -8.81 25.24 21.82
N ARG A 445 -9.46 26.39 21.69
CA ARG A 445 -9.09 27.57 22.45
C ARG A 445 -9.32 27.33 23.94
N LYS A 446 -10.48 26.79 24.30
CA LYS A 446 -10.81 26.53 25.69
C LYS A 446 -9.86 25.52 26.32
N GLU A 447 -9.43 24.52 25.55
CA GLU A 447 -8.51 23.52 26.05
C GLU A 447 -7.14 24.14 26.31
N LEU A 448 -6.69 25.01 25.41
CA LEU A 448 -5.41 25.67 25.56
C LEU A 448 -5.42 26.70 26.68
N GLN A 449 -6.54 27.38 26.81
CA GLN A 449 -6.68 28.39 27.85
C GLN A 449 -6.58 27.68 29.19
N ALA A 450 -7.32 26.58 29.32
CA ALA A 450 -7.30 25.80 30.55
C ALA A 450 -5.89 25.25 30.78
N ALA A 451 -5.25 24.84 29.69
CA ALA A 451 -3.90 24.29 29.75
C ALA A 451 -2.92 25.29 30.35
N GLY A 452 -3.34 26.54 30.46
CA GLY A 452 -2.48 27.57 31.04
C GLY A 452 -1.74 28.45 30.05
N LYS A 453 -1.92 28.20 28.76
CA LYS A 453 -1.24 29.01 27.74
C LYS A 453 -1.61 30.48 27.85
N SER A 454 -0.69 31.34 27.42
CA SER A 454 -0.92 32.78 27.45
C SER A 454 -1.49 33.19 26.09
N PRO A 455 -2.10 34.38 26.00
CA PRO A 455 -2.66 34.81 24.72
C PRO A 455 -1.64 34.66 23.60
N GLU A 456 -0.38 34.94 23.92
CA GLU A 456 0.72 34.85 22.96
C GLU A 456 0.89 33.44 22.40
N ASP A 457 1.25 32.50 23.27
CA ASP A 457 1.47 31.12 22.85
C ASP A 457 0.20 30.41 22.39
N LEU A 458 -0.91 30.65 23.09
CA LEU A 458 -2.17 30.01 22.73
C LEU A 458 -2.51 30.36 21.28
N MET A 459 -2.37 31.65 20.96
CA MET A 459 -2.64 32.13 19.62
C MET A 459 -1.71 31.48 18.61
N LYS A 460 -0.45 31.38 18.97
CA LYS A 460 0.57 30.78 18.11
C LYS A 460 0.26 29.32 17.80
N LEU A 461 -0.26 28.60 18.79
CA LEU A 461 -0.57 27.19 18.65
C LEU A 461 -1.98 26.86 18.15
N LEU A 462 -2.95 27.67 18.57
CA LEU A 462 -4.37 27.46 18.24
C LEU A 462 -4.78 26.91 16.87
N PRO A 463 -4.57 27.67 15.78
CA PRO A 463 -4.97 27.17 14.47
C PRO A 463 -4.44 25.77 14.13
N HIS A 464 -3.22 25.48 14.57
CA HIS A 464 -2.57 24.18 14.34
C HIS A 464 -3.29 23.05 15.06
N LYS A 465 -3.99 23.38 16.13
CA LYS A 465 -4.70 22.38 16.93
C LYS A 465 -6.18 22.25 16.58
N VAL A 466 -6.59 22.95 15.52
CA VAL A 466 -7.99 22.91 15.08
C VAL A 466 -8.23 21.87 13.96
N PHE A 467 -9.33 21.12 14.10
CA PHE A 467 -9.70 20.10 13.13
C PHE A 467 -11.02 20.47 12.48
N GLU A 468 -10.96 20.78 11.20
CA GLU A 468 -12.15 21.19 10.46
C GLU A 468 -13.20 20.10 10.36
N GLY A 469 -12.77 18.85 10.44
CA GLY A 469 -13.69 17.74 10.37
C GLY A 469 -14.45 17.64 9.05
N ASN A 470 -15.69 17.15 9.13
CA ASN A 470 -16.54 16.98 7.96
C ASN A 470 -15.89 16.00 6.96
N ARG A 471 -15.11 15.06 7.49
CA ARG A 471 -14.44 14.02 6.68
C ARG A 471 -15.36 12.81 6.66
N PRO A 472 -15.92 12.48 5.49
CA PRO A 472 -16.83 11.33 5.34
C PRO A 472 -16.19 9.96 5.41
N THR A 473 -16.93 9.02 6.00
CA THR A 473 -16.49 7.64 6.14
C THR A 473 -17.65 6.66 6.15
N ASN A 474 -17.34 5.40 5.87
CA ASN A 474 -18.31 4.32 5.92
C ASN A 474 -17.73 3.41 6.98
N SER A 475 -18.58 2.85 7.84
CA SER A 475 -18.10 1.91 8.85
C SER A 475 -18.79 0.60 8.54
N ILE A 476 -17.99 -0.43 8.29
CA ILE A 476 -18.51 -1.74 7.98
C ILE A 476 -18.09 -2.67 9.12
N VAL A 477 -19.07 -3.15 9.88
CA VAL A 477 -18.80 -4.01 11.03
C VAL A 477 -19.49 -5.35 10.83
N PHE A 478 -18.76 -6.42 11.11
CA PHE A 478 -19.32 -7.76 10.96
C PHE A 478 -19.03 -8.58 12.22
N THR A 479 -19.88 -9.55 12.50
CA THR A 479 -19.76 -10.38 13.70
C THR A 479 -18.37 -10.98 13.94
N LYS A 480 -17.82 -11.64 12.92
CA LYS A 480 -16.51 -12.28 13.03
C LYS A 480 -15.95 -12.48 11.63
N LEU A 481 -14.63 -12.43 11.48
CA LEU A 481 -14.01 -12.61 10.17
C LEU A 481 -13.80 -14.09 9.90
N THR A 482 -14.82 -14.71 9.36
CA THR A 482 -14.80 -16.13 9.06
C THR A 482 -14.73 -16.30 7.55
N PRO A 483 -14.49 -17.53 7.08
CA PRO A 483 -14.42 -17.75 5.63
C PRO A 483 -15.65 -17.23 4.90
N PHE A 484 -16.83 -17.52 5.45
CA PHE A 484 -18.09 -17.11 4.85
C PHE A 484 -18.22 -15.59 4.75
N ILE A 485 -17.95 -14.91 5.86
CA ILE A 485 -18.04 -13.45 5.88
C ILE A 485 -17.01 -12.80 4.97
N LEU A 486 -15.80 -13.33 4.95
CA LEU A 486 -14.76 -12.77 4.09
C LEU A 486 -15.26 -12.86 2.65
N GLY A 487 -15.86 -14.00 2.31
CA GLY A 487 -16.38 -14.20 0.97
C GLY A 487 -17.45 -13.17 0.64
N ALA A 488 -18.34 -12.89 1.58
CA ALA A 488 -19.39 -11.91 1.38
C ALA A 488 -18.83 -10.50 1.22
N LEU A 489 -17.79 -10.17 1.99
CA LEU A 489 -17.18 -8.84 1.90
C LEU A 489 -16.48 -8.63 0.56
N ILE A 490 -15.76 -9.63 0.09
CA ILE A 490 -15.06 -9.52 -1.18
C ILE A 490 -16.05 -9.36 -2.34
N ALA A 491 -17.11 -10.15 -2.33
CA ALA A 491 -18.13 -10.11 -3.36
C ALA A 491 -18.84 -8.76 -3.36
N MET A 492 -19.03 -8.20 -2.17
CA MET A 492 -19.69 -6.91 -2.04
C MET A 492 -18.91 -5.83 -2.81
N TYR A 493 -17.60 -5.83 -2.64
CA TYR A 493 -16.76 -4.85 -3.33
C TYR A 493 -16.68 -5.15 -4.83
N GLU A 494 -16.70 -6.41 -5.22
CA GLU A 494 -16.64 -6.73 -6.64
C GLU A 494 -17.86 -6.08 -7.30
N HIS A 495 -19.02 -6.21 -6.67
CA HIS A 495 -20.24 -5.63 -7.24
C HIS A 495 -20.28 -4.11 -7.14
N LYS A 496 -19.60 -3.53 -6.15
CA LYS A 496 -19.55 -2.09 -6.03
C LYS A 496 -18.83 -1.59 -7.29
N ILE A 497 -17.74 -2.29 -7.61
CA ILE A 497 -16.92 -1.97 -8.77
C ILE A 497 -17.72 -2.17 -10.05
N PHE A 498 -18.53 -3.22 -10.07
CA PHE A 498 -19.37 -3.51 -11.23
C PHE A 498 -20.34 -2.35 -11.49
N VAL A 499 -21.03 -1.92 -10.45
CA VAL A 499 -22.01 -0.84 -10.56
C VAL A 499 -21.39 0.46 -11.06
N GLN A 500 -20.27 0.86 -10.48
CA GLN A 500 -19.62 2.09 -10.94
C GLN A 500 -19.26 2.02 -12.43
N GLY A 501 -18.73 0.88 -12.87
CA GLY A 501 -18.37 0.75 -14.28
C GLY A 501 -19.56 0.99 -15.19
N VAL A 502 -20.70 0.40 -14.85
CA VAL A 502 -21.92 0.55 -15.64
C VAL A 502 -22.31 2.03 -15.69
N VAL A 503 -22.33 2.69 -14.53
CA VAL A 503 -22.68 4.10 -14.50
C VAL A 503 -21.78 4.92 -15.44
N TRP A 504 -20.48 4.60 -15.45
CA TRP A 504 -19.52 5.30 -16.31
C TRP A 504 -19.55 4.76 -17.74
N ASP A 505 -20.30 3.69 -17.95
CA ASP A 505 -20.44 3.06 -19.26
C ASP A 505 -19.10 2.58 -19.80
N ILE A 506 -18.25 2.05 -18.93
CA ILE A 506 -16.97 1.53 -19.37
C ILE A 506 -16.98 0.01 -19.19
N ASN A 507 -15.94 -0.63 -19.67
CA ASN A 507 -15.80 -2.09 -19.56
C ASN A 507 -14.82 -2.42 -18.43
N SER A 508 -15.40 -2.81 -17.32
CA SER A 508 -14.64 -3.12 -16.10
C SER A 508 -14.02 -4.52 -16.15
N PHE A 509 -14.04 -5.18 -17.30
CA PHE A 509 -13.57 -6.59 -17.32
C PHE A 509 -12.46 -6.88 -18.34
N ASP A 510 -11.95 -5.87 -18.99
CA ASP A 510 -10.79 -6.04 -19.89
C ASP A 510 -9.62 -5.29 -19.25
N GLN A 511 -8.43 -5.43 -19.81
CA GLN A 511 -7.26 -4.74 -19.27
C GLN A 511 -6.17 -4.54 -20.32
N TRP A 512 -6.51 -3.78 -21.36
N TRP A 512 -6.60 -3.74 -21.37
CA TRP A 512 -5.58 -3.51 -22.46
CA TRP A 512 -5.69 -3.45 -22.48
C TRP A 512 -4.30 -2.82 -22.03
C TRP A 512 -4.55 -2.51 -22.11
N GLY A 513 -4.31 -2.20 -20.86
N GLY A 513 -4.71 -1.81 -20.99
CA GLY A 513 -3.11 -1.57 -20.35
CA GLY A 513 -3.70 -0.86 -20.56
C GLY A 513 -2.21 -2.66 -19.80
C GLY A 513 -2.36 -1.47 -20.16
N VAL A 514 -2.80 -3.64 -19.14
N VAL A 514 -2.28 -2.77 -20.13
CA VAL A 514 -2.06 -4.77 -18.57
CA VAL A 514 -1.03 -3.40 -19.72
C VAL A 514 -1.56 -5.65 -19.71
C VAL A 514 -0.22 -3.99 -20.88
N GLU A 515 -2.38 -5.77 -20.75
N GLU A 515 -0.76 -3.90 -22.07
CA GLU A 515 -2.04 -6.57 -21.92
CA GLU A 515 -0.13 -4.48 -23.27
C GLU A 515 -0.84 -5.97 -22.64
C GLU A 515 1.12 -3.70 -23.73
N LEU A 516 -0.79 -4.65 -22.71
N LEU A 516 1.07 -2.38 -23.59
CA LEU A 516 0.32 -3.96 -23.37
CA LEU A 516 2.17 -1.48 -24.06
C LEU A 516 1.63 -4.20 -22.61
C LEU A 516 3.55 -1.87 -23.49
N GLY A 517 1.54 -4.13 -21.28
N GLY A 517 3.66 -1.79 -22.17
CA GLY A 517 2.74 -4.32 -20.46
CA GLY A 517 4.91 -2.09 -21.42
C GLY A 517 3.42 -5.66 -20.65
C GLY A 517 5.49 -3.45 -21.84
N LYS A 518 2.62 -6.71 -20.82
N LYS A 518 4.60 -4.41 -21.96
CA LYS A 518 3.13 -8.06 -21.00
CA LYS A 518 4.97 -5.78 -22.35
C LYS A 518 3.73 -8.27 -22.39
C LYS A 518 5.73 -5.75 -23.68
N GLN A 519 4.22 -7.18 -22.98
N GLN A 519 5.08 -5.11 -24.63
CA GLN A 519 4.83 -7.21 -24.31
CA GLN A 519 5.63 -4.94 -25.98
C GLN A 519 5.71 -5.98 -24.54
C GLN A 519 7.02 -4.31 -25.92
N LEU A 520 5.85 -5.16 -23.51
N LEU A 520 7.06 -3.22 -25.18
CA LEU A 520 6.64 -3.93 -23.59
CA LEU A 520 8.29 -2.41 -25.02
C LEU A 520 8.16 -4.08 -23.50
C LEU A 520 9.36 -3.17 -24.23
N ALA A 521 8.63 -4.85 -22.52
N ALA A 521 8.92 -4.05 -23.36
CA ALA A 521 10.05 -5.03 -22.29
CA ALA A 521 9.80 -4.84 -22.49
C ALA A 521 10.74 -5.97 -23.27
C ALA A 521 10.64 -5.86 -23.30
N LYS A 522 9.96 -6.69 -24.07
CA LYS A 522 10.54 -7.63 -25.01
C LYS A 522 11.53 -7.04 -26.00
N LYS A 523 11.32 -5.79 -26.42
CA LYS A 523 12.24 -5.18 -27.36
C LYS A 523 13.53 -4.73 -26.69
N ILE A 524 13.44 -4.38 -25.41
CA ILE A 524 14.61 -3.92 -24.65
C ILE A 524 15.45 -5.05 -24.04
N GLU A 525 14.81 -6.15 -23.66
CA GLU A 525 15.52 -7.27 -23.05
C GLU A 525 16.80 -7.67 -23.80
N PRO A 526 16.70 -7.97 -25.11
CA PRO A 526 17.89 -8.37 -25.86
C PRO A 526 18.96 -7.30 -25.96
N GLU A 527 18.53 -6.04 -26.01
CA GLU A 527 19.46 -4.91 -26.11
C GLU A 527 20.32 -4.75 -24.86
N LEU A 528 19.89 -5.35 -23.75
CA LEU A 528 20.64 -5.25 -22.50
C LEU A 528 21.88 -6.13 -22.50
N ASP A 529 21.89 -7.14 -23.38
CA ASP A 529 23.03 -8.04 -23.49
C ASP A 529 24.22 -7.32 -24.11
N GLY A 530 25.40 -7.54 -23.55
CA GLY A 530 26.59 -6.90 -24.08
C GLY A 530 26.94 -5.61 -23.36
N SER A 531 27.98 -4.94 -23.85
CA SER A 531 28.45 -3.70 -23.25
C SER A 531 28.35 -2.50 -24.18
N SER A 532 27.85 -2.71 -25.39
CA SER A 532 27.72 -1.63 -26.36
C SER A 532 26.53 -0.73 -26.09
N PRO A 533 26.70 0.60 -26.27
CA PRO A 533 25.64 1.59 -26.04
C PRO A 533 24.44 1.46 -26.98
N VAL A 534 23.26 1.82 -26.47
CA VAL A 534 22.03 1.77 -27.26
C VAL A 534 21.64 3.20 -27.63
N THR A 535 21.16 3.38 -28.86
CA THR A 535 20.77 4.70 -29.34
C THR A 535 19.43 4.64 -30.08
N SER A 536 18.80 3.48 -30.04
CA SER A 536 17.53 3.25 -30.73
C SER A 536 16.25 3.83 -30.11
N HIS A 537 16.29 4.20 -28.84
CA HIS A 537 15.13 4.77 -28.16
C HIS A 537 15.32 6.25 -27.93
N ASP A 538 14.42 6.85 -27.14
CA ASP A 538 14.51 8.27 -26.81
C ASP A 538 15.77 8.39 -25.95
N SER A 539 16.30 9.60 -25.84
CA SER A 539 17.54 9.83 -25.08
C SER A 539 17.48 9.38 -23.61
N SER A 540 16.30 9.42 -23.01
CA SER A 540 16.15 8.99 -21.62
C SER A 540 16.30 7.47 -21.51
N THR A 541 15.52 6.74 -22.29
CA THR A 541 15.61 5.29 -22.25
C THR A 541 17.04 4.86 -22.63
N ASN A 542 17.63 5.53 -23.62
CA ASN A 542 19.00 5.23 -24.05
C ASN A 542 19.95 5.48 -22.88
N GLY A 543 19.77 6.63 -22.24
CA GLY A 543 20.63 6.99 -21.13
C GLY A 543 20.59 6.02 -19.97
N LEU A 544 19.39 5.55 -19.63
CA LEU A 544 19.23 4.61 -18.52
C LEU A 544 19.87 3.27 -18.85
N ILE A 545 19.64 2.80 -20.07
CA ILE A 545 20.22 1.53 -20.49
C ILE A 545 21.74 1.61 -20.43
N ASN A 546 22.31 2.70 -20.92
CA ASN A 546 23.77 2.84 -20.93
C ASN A 546 24.37 2.95 -19.53
N PHE A 547 23.61 3.54 -18.59
CA PHE A 547 24.09 3.67 -17.22
C PHE A 547 24.12 2.29 -16.57
N ILE A 548 23.14 1.46 -16.92
CA ILE A 548 23.06 0.11 -16.38
C ILE A 548 24.24 -0.73 -16.88
N LYS A 549 24.55 -0.62 -18.17
CA LYS A 549 25.65 -1.38 -18.74
C LYS A 549 26.97 -0.98 -18.08
N GLN A 550 27.14 0.31 -17.85
CA GLN A 550 28.35 0.82 -17.23
C GLN A 550 28.52 0.37 -15.76
N GLN A 551 27.41 0.32 -15.05
CA GLN A 551 27.44 0.02 -13.60
C GLN A 551 27.28 -1.47 -13.25
N ARG A 552 26.74 -2.23 -14.17
CA ARG A 552 26.45 -3.67 -13.95
C ARG A 552 27.64 -4.44 -13.35
N GLU A 553 28.86 -4.07 -13.73
CA GLU A 553 30.06 -4.78 -13.25
C GLU A 553 30.97 -3.88 -12.43
N ALA A 554 30.42 -2.78 -11.93
CA ALA A 554 31.19 -1.85 -11.11
C ALA A 554 31.32 -2.48 -9.72
N LYS A 555 32.55 -2.72 -9.30
CA LYS A 555 32.80 -3.33 -7.99
C LYS A 555 32.67 -2.33 -6.86
N ILE A 556 31.67 -2.53 -6.01
CA ILE A 556 31.46 -1.65 -4.88
C ILE A 556 31.94 -2.37 -3.62
N ALA B 1 -1.61 32.95 2.96
CA ALA B 1 -0.49 31.96 2.95
C ALA B 1 0.67 32.51 2.13
N ALA B 2 1.89 32.23 2.59
CA ALA B 2 3.11 32.71 1.93
C ALA B 2 3.27 32.35 0.45
N LEU B 3 3.07 31.09 0.11
CA LEU B 3 3.24 30.65 -1.27
C LEU B 3 2.48 31.47 -2.31
N THR B 4 1.16 31.55 -2.14
CA THR B 4 0.29 32.28 -3.06
C THR B 4 0.68 33.73 -3.28
N ARG B 5 1.26 34.34 -2.25
CA ARG B 5 1.65 35.75 -2.30
C ARG B 5 3.04 35.95 -2.89
N ASN B 6 3.73 34.84 -3.17
CA ASN B 6 5.08 34.88 -3.73
C ASN B 6 5.06 35.16 -5.24
N PRO B 7 5.85 36.15 -5.70
CA PRO B 7 5.90 36.50 -7.13
C PRO B 7 6.42 35.40 -8.05
N GLN B 8 7.35 34.57 -7.55
CA GLN B 8 7.89 33.47 -8.36
C GLN B 8 6.81 32.42 -8.60
N PHE B 9 5.99 32.19 -7.61
CA PHE B 9 4.90 31.23 -7.72
C PHE B 9 3.88 31.76 -8.73
N GLN B 10 3.60 33.06 -8.66
CA GLN B 10 2.65 33.67 -9.58
C GLN B 10 3.12 33.60 -11.03
N LYS B 11 4.41 33.83 -11.24
CA LYS B 11 4.98 33.76 -12.59
C LYS B 11 4.88 32.35 -13.14
N LEU B 12 5.15 31.36 -12.29
CA LEU B 12 5.08 29.96 -12.70
C LEU B 12 3.62 29.61 -12.96
N GLN B 13 2.74 30.08 -12.08
CA GLN B 13 1.32 29.82 -12.21
C GLN B 13 0.77 30.37 -13.53
N GLN B 14 1.12 31.63 -13.82
CA GLN B 14 0.68 32.29 -15.04
C GLN B 14 1.23 31.57 -16.26
N TRP B 15 2.48 31.13 -16.20
CA TRP B 15 3.10 30.42 -17.31
C TRP B 15 2.37 29.11 -17.59
N HIS B 16 2.04 28.39 -16.53
CA HIS B 16 1.34 27.12 -16.65
C HIS B 16 -0.05 27.31 -17.25
N ARG B 17 -0.77 28.32 -16.78
CA ARG B 17 -2.10 28.61 -17.28
C ARG B 17 -2.01 29.32 -18.63
N GLU B 18 -0.85 29.19 -19.28
CA GLU B 18 -0.64 29.84 -20.56
C GLU B 18 0.06 28.89 -21.54
N HIS B 19 0.69 27.84 -21.01
CA HIS B 19 1.39 26.87 -21.83
C HIS B 19 1.29 25.44 -21.29
N GLY B 20 1.05 25.32 -19.99
CA GLY B 20 0.96 24.02 -19.36
C GLY B 20 0.23 22.99 -20.24
N SER B 21 -1.01 23.31 -20.58
CA SER B 21 -1.84 22.42 -21.41
C SER B 21 -1.03 21.86 -22.57
N GLU B 22 -0.07 22.67 -22.99
CA GLU B 22 0.87 22.29 -24.07
C GLU B 22 2.22 21.96 -23.47
N LEU B 23 2.37 20.69 -23.21
CA LEU B 23 3.68 20.09 -22.90
C LEU B 23 3.60 18.59 -23.14
N ASN B 24 4.13 18.19 -24.27
CA ASN B 24 4.11 16.79 -24.67
C ASN B 24 5.53 16.23 -24.63
N LEU B 25 5.66 15.23 -23.77
CA LEU B 25 6.92 14.53 -23.54
C LEU B 25 7.46 13.96 -24.85
N ARG B 26 6.65 13.19 -25.55
CA ARG B 26 7.11 12.58 -26.81
C ARG B 26 7.64 13.63 -27.78
N HIS B 27 6.98 14.78 -27.82
CA HIS B 27 7.40 15.87 -28.70
C HIS B 27 8.72 16.46 -28.23
N LEU B 28 8.83 16.70 -26.93
CA LEU B 28 10.03 17.26 -26.32
C LEU B 28 11.29 16.46 -26.63
N PHE B 29 11.19 15.14 -26.53
CA PHE B 29 12.34 14.29 -26.81
C PHE B 29 12.68 14.29 -28.29
N ASP B 30 11.66 14.39 -29.13
CA ASP B 30 11.86 14.39 -30.59
C ASP B 30 12.43 15.69 -31.13
N THR B 31 12.46 16.73 -30.30
CA THR B 31 12.98 18.03 -30.73
C THR B 31 14.24 18.45 -29.98
N ASP B 32 14.64 17.64 -29.01
CA ASP B 32 15.83 17.94 -28.21
C ASP B 32 16.47 16.62 -27.77
N LYS B 33 17.57 16.25 -28.42
CA LYS B 33 18.24 15.00 -28.07
C LYS B 33 19.31 15.14 -27.00
N GLU B 34 19.32 16.30 -26.34
CA GLU B 34 20.25 16.56 -25.25
C GLU B 34 19.38 16.59 -23.99
N ARG B 35 18.10 16.28 -24.18
CA ARG B 35 17.17 16.30 -23.06
C ARG B 35 17.64 15.47 -21.88
N PHE B 36 17.99 14.21 -22.11
CA PHE B 36 18.47 13.36 -21.00
C PHE B 36 19.63 14.04 -20.29
N ASN B 37 20.59 14.51 -21.07
CA ASN B 37 21.76 15.18 -20.51
C ASN B 37 21.41 16.40 -19.69
N HIS B 38 20.43 17.17 -20.15
CA HIS B 38 20.02 18.39 -19.45
C HIS B 38 19.09 18.17 -18.28
N PHE B 39 18.38 17.04 -18.27
CA PHE B 39 17.45 16.78 -17.18
C PHE B 39 17.75 15.48 -16.44
N SER B 40 19.03 15.25 -16.15
CA SER B 40 19.42 14.05 -15.42
C SER B 40 20.58 14.41 -14.52
N LEU B 41 20.66 13.73 -13.38
CA LEU B 41 21.71 14.01 -12.41
C LEU B 41 22.36 12.72 -11.95
N THR B 42 23.68 12.64 -12.03
CA THR B 42 24.38 11.45 -11.60
C THR B 42 25.19 11.78 -10.36
N LEU B 43 25.04 10.96 -9.32
CA LEU B 43 25.76 11.17 -8.09
C LEU B 43 26.72 10.02 -7.80
N ASN B 44 27.99 10.34 -7.62
CA ASN B 44 29.00 9.34 -7.29
C ASN B 44 29.34 9.53 -5.82
N THR B 45 28.88 8.60 -5.00
CA THR B 45 29.10 8.66 -3.56
C THR B 45 30.39 7.97 -3.13
N ASN B 46 31.15 7.48 -4.11
CA ASN B 46 32.39 6.75 -3.84
C ASN B 46 32.06 5.39 -3.23
N HIS B 47 30.76 5.09 -3.16
CA HIS B 47 30.28 3.82 -2.62
C HIS B 47 29.10 3.35 -3.47
N GLY B 48 29.11 3.77 -4.73
CA GLY B 48 28.05 3.40 -5.66
C GLY B 48 27.52 4.67 -6.31
N HIS B 49 26.94 4.55 -7.50
CA HIS B 49 26.40 5.72 -8.18
C HIS B 49 24.89 5.74 -8.11
N ILE B 50 24.33 6.94 -8.11
CA ILE B 50 22.89 7.10 -8.08
C ILE B 50 22.53 8.02 -9.25
N LEU B 51 21.77 7.51 -10.21
CA LEU B 51 21.33 8.31 -11.33
C LEU B 51 19.89 8.74 -11.12
N LEU B 52 19.65 10.05 -11.14
CA LEU B 52 18.30 10.59 -10.99
C LEU B 52 17.98 11.14 -12.38
N ASP B 53 17.17 10.41 -13.12
CA ASP B 53 16.77 10.82 -14.47
C ASP B 53 15.37 11.41 -14.40
N TYR B 54 15.28 12.73 -14.48
CA TYR B 54 13.96 13.39 -14.42
C TYR B 54 13.54 14.01 -15.74
N SER B 55 14.11 13.50 -16.83
CA SER B 55 13.82 14.00 -18.17
C SER B 55 12.42 13.65 -18.66
N LYS B 56 11.84 12.58 -18.12
CA LYS B 56 10.50 12.20 -18.53
C LYS B 56 9.44 12.97 -17.73
N ASN B 57 9.72 14.23 -17.43
CA ASN B 57 8.78 15.07 -16.70
C ASN B 57 8.27 16.18 -17.62
N LEU B 58 7.06 16.66 -17.34
CA LEU B 58 6.47 17.71 -18.16
C LEU B 58 7.09 19.04 -17.85
N VAL B 59 8.37 19.19 -18.21
CA VAL B 59 9.10 20.42 -17.97
C VAL B 59 10.08 20.76 -19.10
N THR B 60 10.49 22.02 -19.13
CA THR B 60 11.43 22.53 -20.12
C THR B 60 12.43 23.33 -19.29
N GLU B 61 13.51 23.77 -19.92
CA GLU B 61 14.51 24.55 -19.20
C GLU B 61 13.87 25.78 -18.54
N GLU B 62 12.93 26.41 -19.23
CA GLU B 62 12.23 27.59 -18.72
C GLU B 62 11.48 27.24 -17.44
N VAL B 63 10.81 26.08 -17.45
CA VAL B 63 10.06 25.64 -16.28
C VAL B 63 10.96 25.34 -15.09
N MET B 64 12.08 24.66 -15.34
CA MET B 64 12.99 24.34 -14.23
C MET B 64 13.58 25.59 -13.59
N HIS B 65 13.97 26.57 -14.41
CA HIS B 65 14.53 27.80 -13.88
C HIS B 65 13.51 28.51 -13.00
N MET B 66 12.24 28.55 -13.42
CA MET B 66 11.21 29.20 -12.64
C MET B 66 10.98 28.46 -11.32
N LEU B 67 11.06 27.13 -11.35
CA LEU B 67 10.87 26.31 -10.15
C LEU B 67 12.00 26.52 -9.14
N LEU B 68 13.23 26.60 -9.63
CA LEU B 68 14.37 26.81 -8.74
C LEU B 68 14.37 28.24 -8.19
N ASP B 69 13.85 29.18 -8.97
CA ASP B 69 13.79 30.56 -8.51
C ASP B 69 12.79 30.60 -7.35
N LEU B 70 11.77 29.75 -7.42
CA LEU B 70 10.76 29.68 -6.37
C LEU B 70 11.37 29.11 -5.09
N ALA B 71 12.18 28.07 -5.25
CA ALA B 71 12.83 27.44 -4.10
C ALA B 71 13.68 28.49 -3.40
N LYS B 72 14.34 29.31 -4.20
CA LYS B 72 15.19 30.36 -3.67
C LYS B 72 14.39 31.44 -2.95
N SER B 73 13.43 32.03 -3.63
CA SER B 73 12.62 33.10 -3.01
C SER B 73 11.82 32.62 -1.80
N ARG B 74 11.58 31.32 -1.70
CA ARG B 74 10.84 30.79 -0.56
C ARG B 74 11.80 30.46 0.60
N GLY B 75 13.07 30.80 0.40
CA GLY B 75 14.08 30.60 1.45
C GLY B 75 14.50 29.19 1.83
N VAL B 76 14.49 28.26 0.88
CA VAL B 76 14.88 26.89 1.19
C VAL B 76 16.27 26.79 1.83
N GLU B 77 17.26 27.45 1.25
CA GLU B 77 18.62 27.39 1.80
C GLU B 77 18.72 27.86 3.25
N ALA B 78 18.16 29.03 3.54
CA ALA B 78 18.20 29.56 4.90
C ALA B 78 17.52 28.60 5.87
N ALA B 79 16.39 28.04 5.45
CA ALA B 79 15.66 27.08 6.29
C ALA B 79 16.52 25.84 6.49
N ARG B 80 17.21 25.43 5.44
CA ARG B 80 18.08 24.26 5.52
C ARG B 80 19.14 24.47 6.59
N GLU B 81 19.78 25.64 6.57
CA GLU B 81 20.83 25.94 7.55
C GLU B 81 20.27 25.98 8.96
N SER B 82 19.09 26.54 9.12
CA SER B 82 18.47 26.61 10.45
C SER B 82 18.28 25.22 11.01
N MET B 83 17.93 24.26 10.15
CA MET B 83 17.73 22.89 10.60
C MET B 83 19.05 22.26 11.01
N PHE B 84 20.05 22.33 10.13
CA PHE B 84 21.35 21.74 10.43
C PHE B 84 22.06 22.38 11.62
N ASN B 85 21.79 23.66 11.86
CA ASN B 85 22.41 24.36 12.98
C ASN B 85 21.73 24.16 14.34
N GLY B 86 20.69 23.33 14.37
CA GLY B 86 20.01 23.07 15.63
C GLY B 86 19.01 24.11 16.09
N GLU B 87 18.61 25.01 15.20
CA GLU B 87 17.61 26.02 15.58
C GLU B 87 16.28 25.31 15.75
N LYS B 88 15.41 25.83 16.63
CA LYS B 88 14.13 25.18 16.87
C LYS B 88 13.07 25.49 15.82
N ILE B 89 13.29 24.97 14.61
CA ILE B 89 12.37 25.19 13.50
C ILE B 89 11.02 24.49 13.67
N ASN B 90 10.92 23.58 14.64
CA ASN B 90 9.65 22.91 14.91
C ASN B 90 8.94 23.89 15.86
N SER B 91 8.45 24.98 15.26
CA SER B 91 7.79 26.07 15.97
C SER B 91 6.60 25.77 16.89
N THR B 92 5.73 24.84 16.52
CA THR B 92 4.56 24.53 17.35
C THR B 92 4.91 23.78 18.65
N GLU B 93 5.95 22.97 18.61
CA GLU B 93 6.36 22.22 19.80
C GLU B 93 7.65 22.84 20.37
N ASP B 94 8.15 23.86 19.68
CA ASP B 94 9.39 24.56 20.06
C ASP B 94 10.51 23.56 20.32
N ARG B 95 10.89 22.84 19.27
CA ARG B 95 11.95 21.85 19.35
C ARG B 95 12.83 22.00 18.12
N ALA B 96 14.05 21.49 18.23
CA ALA B 96 14.96 21.51 17.10
C ALA B 96 14.55 20.26 16.28
N VAL B 97 15.09 20.13 15.07
CA VAL B 97 14.80 18.99 14.21
C VAL B 97 16.20 18.53 13.80
N LEU B 98 16.70 17.53 14.51
CA LEU B 98 18.06 17.05 14.31
C LEU B 98 18.31 15.59 13.96
N HIS B 99 17.52 15.00 13.06
CA HIS B 99 17.82 13.62 12.70
C HIS B 99 19.17 13.60 11.97
N VAL B 100 19.57 14.73 11.38
CA VAL B 100 20.85 14.78 10.68
C VAL B 100 22.00 14.65 11.68
N ALA B 101 21.75 15.01 12.94
CA ALA B 101 22.79 14.91 13.97
C ALA B 101 23.05 13.45 14.32
N LEU B 102 21.99 12.65 14.30
CA LEU B 102 22.08 11.22 14.60
C LEU B 102 23.08 10.51 13.69
N ARG B 103 23.18 10.95 12.45
CA ARG B 103 24.10 10.32 11.49
C ARG B 103 25.28 11.22 11.10
N ASN B 104 25.57 12.20 11.94
CA ASN B 104 26.65 13.15 11.68
C ASN B 104 28.02 12.53 11.95
N ARG B 105 28.45 11.68 11.03
CA ARG B 105 29.73 10.97 11.13
C ARG B 105 30.93 11.90 11.26
N SER B 106 30.82 13.09 10.71
CA SER B 106 31.91 14.06 10.76
C SER B 106 32.08 14.64 12.15
N ASN B 107 31.08 14.40 13.01
CA ASN B 107 31.09 14.87 14.39
C ASN B 107 31.20 16.38 14.56
N THR B 108 30.92 17.13 13.50
CA THR B 108 30.96 18.58 13.58
C THR B 108 29.96 19.00 14.66
N PRO B 109 30.36 19.91 15.56
CA PRO B 109 29.45 20.36 16.61
C PRO B 109 28.11 20.95 16.16
N ILE B 110 27.07 20.60 16.90
CA ILE B 110 25.71 21.06 16.66
C ILE B 110 25.20 21.48 18.03
N VAL B 111 25.03 22.78 18.22
CA VAL B 111 24.59 23.32 19.50
C VAL B 111 23.09 23.51 19.72
N VAL B 112 22.63 23.00 20.86
CA VAL B 112 21.23 23.08 21.27
C VAL B 112 21.24 23.38 22.77
N ASP B 113 20.49 24.40 23.18
CA ASP B 113 20.44 24.79 24.59
C ASP B 113 21.85 24.97 25.15
N GLY B 114 22.72 25.57 24.34
CA GLY B 114 24.10 25.83 24.76
C GLY B 114 24.97 24.61 24.93
N LYS B 115 24.68 23.53 24.23
CA LYS B 115 25.49 22.31 24.35
C LYS B 115 25.55 21.48 23.07
N ASP B 116 26.75 21.02 22.71
CA ASP B 116 26.93 20.19 21.53
C ASP B 116 26.19 18.88 21.84
N VAL B 117 25.36 18.43 20.91
CA VAL B 117 24.59 17.20 21.13
C VAL B 117 25.35 15.96 20.66
N MET B 118 26.40 16.14 19.88
CA MET B 118 27.15 15.01 19.37
C MET B 118 27.71 14.05 20.42
N PRO B 119 28.24 14.57 21.55
CA PRO B 119 28.78 13.65 22.56
C PRO B 119 27.73 12.64 23.02
N GLU B 120 26.50 13.12 23.25
CA GLU B 120 25.40 12.27 23.68
C GLU B 120 24.97 11.31 22.58
N VAL B 121 24.97 11.78 21.34
CA VAL B 121 24.58 10.92 20.23
C VAL B 121 25.55 9.74 20.15
N ASN B 122 26.85 10.03 20.23
CA ASN B 122 27.87 8.99 20.17
C ASN B 122 27.89 8.09 21.39
N LYS B 123 27.49 8.62 22.54
CA LYS B 123 27.47 7.82 23.75
C LYS B 123 26.44 6.71 23.59
N VAL B 124 25.26 7.07 23.11
CA VAL B 124 24.20 6.09 22.91
C VAL B 124 24.62 5.09 21.85
N LEU B 125 25.22 5.59 20.76
CA LEU B 125 25.69 4.72 19.68
C LEU B 125 26.70 3.69 20.23
N ASP B 126 27.65 4.15 21.05
CA ASP B 126 28.64 3.25 21.63
C ASP B 126 27.97 2.21 22.53
N LYS B 127 26.96 2.65 23.27
CA LYS B 127 26.24 1.75 24.16
C LYS B 127 25.48 0.72 23.31
N MET B 128 24.91 1.16 22.19
CA MET B 128 24.18 0.26 21.32
C MET B 128 25.17 -0.77 20.78
N LYS B 129 26.32 -0.31 20.32
CA LYS B 129 27.34 -1.19 19.77
C LYS B 129 27.81 -2.25 20.79
N ALA B 130 28.00 -1.84 22.03
CA ALA B 130 28.44 -2.75 23.08
C ALA B 130 27.38 -3.79 23.41
N PHE B 131 26.13 -3.36 23.41
CA PHE B 131 25.02 -4.25 23.71
C PHE B 131 24.82 -5.27 22.60
N CYS B 132 24.79 -4.79 21.36
CA CYS B 132 24.61 -5.68 20.21
C CYS B 132 25.74 -6.71 20.22
N GLN B 133 26.95 -6.24 20.52
CA GLN B 133 28.11 -7.12 20.56
C GLN B 133 27.81 -8.27 21.52
N ARG B 134 27.44 -7.93 22.75
CA ARG B 134 27.12 -8.93 23.75
C ARG B 134 26.05 -9.90 23.29
N VAL B 135 24.95 -9.37 22.77
CA VAL B 135 23.86 -10.23 22.31
C VAL B 135 24.29 -11.15 21.17
N ARG B 136 24.89 -10.56 20.13
CA ARG B 136 25.33 -11.34 18.97
C ARG B 136 26.37 -12.42 19.31
N SER B 137 27.40 -12.05 20.07
CA SER B 137 28.45 -13.00 20.44
C SER B 137 27.97 -14.10 21.39
N GLY B 138 26.76 -13.94 21.91
CA GLY B 138 26.22 -14.94 22.82
C GLY B 138 26.59 -14.73 24.28
N ASP B 139 27.26 -13.62 24.59
CA ASP B 139 27.63 -13.34 25.97
C ASP B 139 26.40 -13.02 26.81
N TRP B 140 25.44 -12.32 26.20
CA TRP B 140 24.20 -11.99 26.88
C TRP B 140 23.37 -13.27 26.98
N LYS B 141 23.12 -13.72 28.19
CA LYS B 141 22.35 -14.95 28.41
C LYS B 141 20.95 -14.72 28.98
N GLY B 142 20.02 -15.58 28.56
CA GLY B 142 18.66 -15.50 29.05
C GLY B 142 18.66 -15.96 30.50
N TYR B 143 17.50 -15.95 31.14
CA TYR B 143 17.39 -16.35 32.54
C TYR B 143 17.72 -17.81 32.83
N THR B 144 18.02 -18.59 31.79
CA THR B 144 18.38 -19.99 31.99
C THR B 144 19.75 -20.30 31.39
N GLY B 145 20.51 -19.25 31.08
CA GLY B 145 21.84 -19.44 30.53
C GLY B 145 21.95 -19.67 29.03
N LYS B 146 20.83 -19.55 28.32
CA LYS B 146 20.84 -19.75 26.88
C LYS B 146 21.06 -18.45 26.12
N THR B 147 21.66 -18.55 24.94
CA THR B 147 21.93 -17.36 24.13
C THR B 147 20.61 -16.86 23.50
N ILE B 148 20.60 -15.60 23.10
CA ILE B 148 19.40 -15.02 22.51
C ILE B 148 19.27 -15.33 21.03
N THR B 149 18.17 -15.98 20.66
CA THR B 149 17.94 -16.35 19.27
C THR B 149 16.92 -15.45 18.59
N ASP B 150 16.07 -14.79 19.38
CA ASP B 150 15.04 -13.92 18.82
C ASP B 150 14.92 -12.55 19.46
N VAL B 151 14.82 -11.53 18.62
CA VAL B 151 14.68 -10.16 19.06
C VAL B 151 13.31 -9.69 18.60
N ILE B 152 12.49 -9.21 19.54
CA ILE B 152 11.15 -8.72 19.23
C ILE B 152 11.04 -7.23 19.50
N ASN B 153 10.77 -6.45 18.46
CA ASN B 153 10.63 -5.01 18.60
C ASN B 153 9.14 -4.68 18.76
N ILE B 154 8.78 -4.09 19.91
CA ILE B 154 7.39 -3.72 20.19
C ILE B 154 7.28 -2.18 20.17
N GLY B 155 6.60 -1.66 19.15
CA GLY B 155 6.42 -0.23 19.02
C GLY B 155 5.49 0.05 17.85
N ILE B 156 5.07 1.29 17.68
CA ILE B 156 4.14 1.58 16.59
C ILE B 156 4.47 2.89 15.89
N GLY B 157 4.04 3.01 14.64
CA GLY B 157 4.33 4.22 13.89
C GLY B 157 5.82 4.41 13.65
N GLY B 158 6.33 5.57 14.06
CA GLY B 158 7.76 5.87 13.88
C GLY B 158 8.69 4.94 14.66
N SER B 159 8.18 4.29 15.69
CA SER B 159 8.99 3.37 16.48
C SER B 159 8.86 1.93 15.96
N ASP B 160 8.29 1.79 14.76
CA ASP B 160 8.10 0.47 14.16
C ASP B 160 8.48 0.35 12.68
N LEU B 161 7.87 1.18 11.84
CA LEU B 161 8.06 1.12 10.40
C LEU B 161 9.48 1.28 9.87
N GLY B 162 10.24 2.22 10.42
CA GLY B 162 11.61 2.42 9.97
C GLY B 162 12.43 1.15 10.10
N PRO B 163 12.58 0.62 11.32
CA PRO B 163 13.35 -0.61 11.50
C PRO B 163 12.79 -1.81 10.74
N LEU B 164 11.47 -1.89 10.61
CA LEU B 164 10.85 -2.99 9.88
C LEU B 164 11.27 -2.94 8.42
N MET B 165 11.09 -1.78 7.80
CA MET B 165 11.44 -1.58 6.40
C MET B 165 12.94 -1.77 6.12
N VAL B 166 13.78 -1.25 7.02
CA VAL B 166 15.23 -1.37 6.79
C VAL B 166 15.77 -2.78 6.99
N THR B 167 15.27 -3.48 8.00
CA THR B 167 15.75 -4.86 8.20
C THR B 167 15.28 -5.72 7.04
N GLU B 168 14.09 -5.44 6.51
CA GLU B 168 13.58 -6.19 5.36
C GLU B 168 14.43 -5.90 4.12
N ALA B 169 14.75 -4.63 3.91
CA ALA B 169 15.52 -4.21 2.75
C ALA B 169 16.95 -4.74 2.78
N LEU B 170 17.49 -4.92 3.99
CA LEU B 170 18.87 -5.37 4.17
C LEU B 170 19.05 -6.82 4.61
N LYS B 171 18.04 -7.66 4.40
CA LYS B 171 18.14 -9.07 4.78
C LYS B 171 19.46 -9.72 4.39
N PRO B 172 19.95 -9.49 3.16
CA PRO B 172 21.21 -10.09 2.73
C PRO B 172 22.41 -9.82 3.65
N TYR B 173 22.29 -8.80 4.49
CA TYR B 173 23.37 -8.43 5.40
C TYR B 173 23.20 -8.87 6.84
N SER B 174 22.25 -9.75 7.11
CA SER B 174 21.98 -10.19 8.49
C SER B 174 22.48 -11.57 8.89
N SER B 175 23.56 -12.02 8.27
CA SER B 175 24.10 -13.34 8.62
C SER B 175 24.78 -13.19 9.98
N GLY B 176 24.54 -14.15 10.87
CA GLY B 176 25.15 -14.08 12.19
C GLY B 176 24.38 -13.15 13.10
N GLY B 177 23.10 -12.99 12.82
CA GLY B 177 22.25 -12.13 13.64
C GLY B 177 21.00 -12.89 14.05
N PRO B 178 20.44 -12.62 15.23
CA PRO B 178 19.24 -13.33 15.66
C PRO B 178 18.04 -12.95 14.80
N ARG B 179 16.98 -13.75 14.88
CA ARG B 179 15.77 -13.45 14.11
C ARG B 179 15.13 -12.20 14.71
N VAL B 180 14.60 -11.33 13.86
CA VAL B 180 13.98 -10.10 14.33
C VAL B 180 12.48 -10.09 14.02
N TRP B 181 11.68 -9.71 15.01
CA TRP B 181 10.24 -9.65 14.88
C TRP B 181 9.74 -8.26 15.22
N PHE B 182 8.66 -7.85 14.56
CA PHE B 182 8.07 -6.54 14.83
C PHE B 182 6.58 -6.68 15.16
N VAL B 183 6.22 -6.27 16.36
CA VAL B 183 4.84 -6.31 16.85
C VAL B 183 4.46 -4.85 16.98
N SER B 184 3.34 -4.44 16.41
CA SER B 184 2.96 -3.02 16.49
C SER B 184 1.48 -2.75 16.75
N ASN B 185 0.60 -3.41 15.99
CA ASN B 185 -0.83 -3.20 16.14
C ASN B 185 -1.31 -3.63 17.53
N ILE B 186 -2.30 -2.91 18.07
CA ILE B 186 -2.86 -3.25 19.37
C ILE B 186 -3.70 -4.51 19.16
N ASP B 187 -4.21 -4.69 17.94
CA ASP B 187 -4.99 -5.87 17.60
C ASP B 187 -4.22 -7.07 18.14
N GLY B 188 -4.86 -7.83 19.03
CA GLY B 188 -4.23 -8.98 19.68
C GLY B 188 -3.60 -10.02 18.78
N THR B 189 -4.09 -10.12 17.56
CA THR B 189 -3.55 -11.09 16.61
C THR B 189 -2.03 -10.92 16.42
N HIS B 190 -1.57 -9.69 16.36
CA HIS B 190 -0.15 -9.41 16.13
C HIS B 190 0.79 -10.02 17.19
N ILE B 191 0.57 -9.69 18.45
CA ILE B 191 1.43 -10.21 19.52
C ILE B 191 1.21 -11.70 19.78
N ALA B 192 -0.03 -12.16 19.68
CA ALA B 192 -0.34 -13.56 19.92
C ALA B 192 0.35 -14.48 18.92
N LYS B 193 0.30 -14.12 17.64
CA LYS B 193 0.92 -14.93 16.61
C LYS B 193 2.44 -14.95 16.73
N THR B 194 3.00 -13.86 17.23
CA THR B 194 4.44 -13.74 17.41
C THR B 194 4.92 -14.58 18.60
N LEU B 195 4.23 -14.44 19.73
CA LEU B 195 4.57 -15.19 20.93
C LEU B 195 4.49 -16.70 20.69
N ALA B 196 3.53 -17.12 19.87
CA ALA B 196 3.33 -18.53 19.57
C ALA B 196 4.56 -19.20 18.97
N CYS B 197 5.44 -18.41 18.37
CA CYS B 197 6.64 -18.94 17.73
C CYS B 197 7.91 -18.77 18.57
N LEU B 198 7.78 -18.15 19.74
CA LEU B 198 8.94 -17.88 20.57
C LEU B 198 9.15 -18.74 21.81
N ASN B 199 10.41 -18.78 22.24
CA ASN B 199 10.81 -19.48 23.45
C ASN B 199 11.23 -18.36 24.40
N PRO B 200 10.51 -18.20 25.51
CA PRO B 200 10.86 -17.13 26.45
C PRO B 200 12.31 -17.16 26.92
N GLU B 201 12.89 -18.35 27.00
CA GLU B 201 14.27 -18.51 27.45
C GLU B 201 15.30 -17.85 26.54
N SER B 202 14.99 -17.75 25.25
CA SER B 202 15.92 -17.18 24.28
C SER B 202 15.38 -15.97 23.51
N SER B 203 14.38 -15.30 24.07
CA SER B 203 13.79 -14.14 23.43
C SER B 203 14.07 -12.84 24.18
N LEU B 204 14.49 -11.82 23.43
CA LEU B 204 14.77 -10.51 23.99
C LEU B 204 13.79 -9.52 23.40
N PHE B 205 13.03 -8.86 24.27
CA PHE B 205 12.05 -7.88 23.84
C PHE B 205 12.60 -6.47 23.91
N ILE B 206 12.34 -5.68 22.87
CA ILE B 206 12.80 -4.30 22.80
C ILE B 206 11.55 -3.43 22.77
N ILE B 207 11.33 -2.62 23.80
CA ILE B 207 10.17 -1.75 23.84
C ILE B 207 10.55 -0.38 23.30
N ALA B 208 10.11 -0.10 22.07
CA ALA B 208 10.42 1.14 21.41
C ALA B 208 9.30 2.16 21.56
N SER B 209 9.59 3.26 22.24
CA SER B 209 8.59 4.30 22.45
C SER B 209 9.25 5.59 22.93
N LYS B 210 9.17 6.64 22.11
CA LYS B 210 9.75 7.93 22.45
C LYS B 210 9.22 8.42 23.79
N THR B 211 7.91 8.35 23.97
CA THR B 211 7.22 8.80 25.18
C THR B 211 7.04 7.71 26.23
N PHE B 212 6.98 6.47 25.75
CA PHE B 212 6.79 5.29 26.59
C PHE B 212 5.42 5.34 27.28
N THR B 213 4.45 5.95 26.60
CA THR B 213 3.09 6.05 27.14
C THR B 213 2.05 5.62 26.10
N THR B 214 2.47 5.48 24.85
CA THR B 214 1.55 5.08 23.78
C THR B 214 0.79 3.83 24.21
N GLN B 215 -0.53 3.88 24.13
CA GLN B 215 -1.36 2.76 24.55
C GLN B 215 -1.07 1.42 23.89
N GLU B 216 -0.96 1.39 22.57
CA GLU B 216 -0.70 0.13 21.87
C GLU B 216 0.58 -0.55 22.33
N THR B 217 1.66 0.23 22.40
CA THR B 217 2.96 -0.29 22.79
C THR B 217 3.06 -0.76 24.24
N ILE B 218 2.56 0.05 25.18
CA ILE B 218 2.62 -0.34 26.58
C ILE B 218 1.75 -1.56 26.83
N THR B 219 0.59 -1.63 26.20
CA THR B 219 -0.29 -2.78 26.40
C THR B 219 0.35 -4.04 25.82
N ASN B 220 0.98 -3.93 24.65
CA ASN B 220 1.67 -5.07 24.03
C ASN B 220 2.84 -5.50 24.91
N ALA B 221 3.55 -4.51 25.45
CA ALA B 221 4.70 -4.76 26.32
C ALA B 221 4.30 -5.52 27.57
N LYS B 222 3.19 -5.13 28.19
CA LYS B 222 2.70 -5.80 29.39
C LYS B 222 2.28 -7.24 29.09
N THR B 223 1.64 -7.44 27.93
CA THR B 223 1.21 -8.77 27.53
C THR B 223 2.45 -9.65 27.31
N ALA B 224 3.49 -9.07 26.71
CA ALA B 224 4.73 -9.80 26.48
C ALA B 224 5.36 -10.21 27.81
N LYS B 225 5.44 -9.25 28.73
CA LYS B 225 6.03 -9.52 30.04
C LYS B 225 5.23 -10.56 30.81
N ASP B 226 3.91 -10.44 30.76
CA ASP B 226 3.03 -11.39 31.45
C ASP B 226 3.28 -12.78 30.87
N TRP B 227 3.36 -12.85 29.55
CA TRP B 227 3.62 -14.10 28.85
C TRP B 227 4.94 -14.68 29.34
N PHE B 228 5.96 -13.82 29.37
CA PHE B 228 7.30 -14.23 29.81
C PHE B 228 7.29 -14.79 31.23
N LEU B 229 6.84 -13.98 32.19
CA LEU B 229 6.80 -14.38 33.59
C LEU B 229 6.01 -15.66 33.84
N LEU B 230 5.17 -16.05 32.90
CA LEU B 230 4.39 -17.26 33.03
C LEU B 230 5.39 -18.42 33.09
N SER B 231 6.62 -18.13 32.67
CA SER B 231 7.71 -19.10 32.67
C SER B 231 8.83 -18.65 33.60
N ALA B 232 9.38 -17.47 33.34
CA ALA B 232 10.47 -16.93 34.15
C ALA B 232 10.20 -17.11 35.64
N LYS B 233 9.11 -16.51 36.12
CA LYS B 233 8.71 -16.62 37.52
C LYS B 233 9.47 -15.76 38.52
N ASP B 234 10.25 -14.80 38.04
CA ASP B 234 10.97 -13.93 38.94
C ASP B 234 11.19 -12.63 38.21
N PRO B 235 10.43 -11.59 38.59
CA PRO B 235 10.58 -10.29 37.94
C PRO B 235 12.03 -9.84 37.79
N SER B 236 12.92 -10.50 38.54
CA SER B 236 14.34 -10.18 38.48
C SER B 236 14.94 -10.74 37.18
N THR B 237 14.13 -11.50 36.45
CA THR B 237 14.57 -12.09 35.19
C THR B 237 14.25 -11.20 33.99
N VAL B 238 13.22 -10.36 34.12
CA VAL B 238 12.84 -9.48 33.03
C VAL B 238 14.01 -8.60 32.60
N ALA B 239 14.92 -8.32 33.55
CA ALA B 239 16.09 -7.49 33.27
C ALA B 239 16.99 -8.13 32.22
N LYS B 240 16.83 -9.44 32.03
CA LYS B 240 17.63 -10.18 31.06
C LYS B 240 16.90 -10.38 29.73
N HIS B 241 15.64 -9.97 29.66
CA HIS B 241 14.85 -10.17 28.44
C HIS B 241 14.10 -8.94 27.92
N PHE B 242 14.20 -7.82 28.62
CA PHE B 242 13.51 -6.59 28.20
C PHE B 242 14.40 -5.33 28.27
N VAL B 243 14.46 -4.58 27.18
CA VAL B 243 15.22 -3.32 27.15
C VAL B 243 14.32 -2.24 26.57
N ALA B 244 14.70 -0.98 26.72
CA ALA B 244 13.88 0.12 26.23
C ALA B 244 14.62 1.17 25.42
N LEU B 245 13.92 1.71 24.43
CA LEU B 245 14.45 2.75 23.56
C LEU B 245 13.46 3.90 23.80
N SER B 246 13.88 4.90 24.56
CA SER B 246 12.99 6.01 24.88
C SER B 246 13.70 7.30 25.26
N THR B 247 12.91 8.31 25.57
CA THR B 247 13.43 9.61 26.00
C THR B 247 12.87 9.90 27.38
N ASN B 248 12.03 9.00 27.87
CA ASN B 248 11.38 9.17 29.16
C ASN B 248 11.85 8.15 30.21
N THR B 249 12.93 8.48 30.91
CA THR B 249 13.48 7.60 31.94
C THR B 249 12.47 7.29 33.04
N ALA B 250 11.61 8.26 33.36
CA ALA B 250 10.60 8.08 34.40
C ALA B 250 9.70 6.87 34.11
N LYS B 251 9.00 6.94 32.98
CA LYS B 251 8.11 5.86 32.57
C LYS B 251 8.78 4.49 32.45
N VAL B 252 9.95 4.45 31.84
CA VAL B 252 10.66 3.18 31.67
C VAL B 252 10.87 2.52 33.03
N LYS B 253 11.12 3.36 34.03
CA LYS B 253 11.35 2.88 35.39
C LYS B 253 10.09 2.22 35.94
N GLU B 254 8.97 2.93 35.83
CA GLU B 254 7.68 2.44 36.32
C GLU B 254 7.27 1.12 35.68
N PHE B 255 7.67 0.90 34.43
CA PHE B 255 7.32 -0.35 33.74
C PHE B 255 8.05 -1.54 34.32
N GLY B 256 9.26 -1.30 34.84
CA GLY B 256 10.03 -2.38 35.42
C GLY B 256 11.34 -2.61 34.70
N ILE B 257 11.88 -1.55 34.13
CA ILE B 257 13.15 -1.64 33.41
C ILE B 257 14.14 -0.63 33.97
N ASP B 258 15.19 -1.13 34.60
CA ASP B 258 16.21 -0.28 35.20
C ASP B 258 17.09 0.37 34.15
N PRO B 259 17.76 1.48 34.49
CA PRO B 259 18.61 2.10 33.49
C PRO B 259 19.68 1.12 33.02
N GLN B 260 20.63 1.57 32.20
CA GLN B 260 21.66 0.69 31.67
C GLN B 260 20.98 -0.19 30.61
N ASN B 261 19.69 -0.42 30.79
CA ASN B 261 18.90 -1.20 29.85
C ASN B 261 18.00 -0.28 29.04
N MET B 262 18.22 1.02 29.20
CA MET B 262 17.44 2.01 28.47
C MET B 262 18.38 2.73 27.51
N PHE B 263 18.05 2.67 26.23
CA PHE B 263 18.84 3.36 25.21
C PHE B 263 17.98 4.55 24.83
N GLU B 264 18.48 5.74 25.07
CA GLU B 264 17.66 6.93 24.86
C GLU B 264 18.05 7.75 23.64
N PHE B 265 17.07 8.53 23.24
CA PHE B 265 17.19 9.53 22.17
C PHE B 265 16.60 10.83 22.72
N TRP B 266 16.31 11.78 21.86
CA TRP B 266 15.85 13.08 22.36
C TRP B 266 14.62 13.61 21.65
N ASP B 267 14.04 14.69 22.19
CA ASP B 267 12.84 15.27 21.62
C ASP B 267 13.01 15.86 20.22
N TRP B 268 14.26 16.14 19.82
CA TRP B 268 14.46 16.68 18.47
C TRP B 268 14.58 15.56 17.44
N VAL B 269 14.26 14.34 17.86
CA VAL B 269 14.27 13.18 16.98
C VAL B 269 12.81 12.84 16.69
N GLY B 270 12.33 13.24 15.51
CA GLY B 270 10.97 12.94 15.16
C GLY B 270 10.77 11.45 14.99
N GLY B 271 9.63 10.95 15.44
CA GLY B 271 9.36 9.53 15.34
C GLY B 271 9.57 8.98 13.93
N ARG B 272 9.00 9.65 12.93
CA ARG B 272 9.13 9.19 11.55
C ARG B 272 10.52 9.44 10.97
N TYR B 273 11.41 10.00 11.78
CA TYR B 273 12.80 10.28 11.39
C TYR B 273 13.74 9.70 12.45
N SER B 274 13.26 8.70 13.20
CA SER B 274 14.04 8.12 14.29
C SER B 274 14.81 6.81 14.10
N LEU B 275 14.73 6.18 12.93
CA LEU B 275 15.45 4.91 12.74
C LEU B 275 16.97 5.06 12.87
N TRP B 276 17.44 6.29 12.71
CA TRP B 276 18.86 6.60 12.78
C TRP B 276 19.36 6.65 14.22
N SER B 277 18.42 6.58 15.17
CA SER B 277 18.75 6.67 16.57
C SER B 277 18.69 5.30 17.25
N ALA B 278 18.58 5.33 18.57
CA ALA B 278 18.49 4.14 19.37
C ALA B 278 17.33 3.28 18.86
N ILE B 279 16.37 3.94 18.19
CA ILE B 279 15.23 3.22 17.63
C ILE B 279 15.71 2.17 16.63
N GLY B 280 16.90 2.41 16.06
CA GLY B 280 17.44 1.46 15.10
C GLY B 280 18.17 0.30 15.74
N LEU B 281 18.02 0.12 17.06
CA LEU B 281 18.70 -0.98 17.75
C LEU B 281 18.44 -2.33 17.08
N SER B 282 17.19 -2.60 16.72
CA SER B 282 16.85 -3.87 16.07
C SER B 282 17.56 -4.01 14.72
N ILE B 283 17.85 -2.88 14.07
CA ILE B 283 18.54 -2.89 12.79
C ILE B 283 19.99 -3.36 13.04
N ALA B 284 20.65 -2.70 13.98
CA ALA B 284 22.04 -3.01 14.33
C ALA B 284 22.18 -4.45 14.78
N LEU B 285 21.23 -4.93 15.56
CA LEU B 285 21.27 -6.31 16.04
C LEU B 285 21.12 -7.30 14.89
N HIS B 286 20.34 -6.90 13.88
CA HIS B 286 20.10 -7.76 12.74
C HIS B 286 21.25 -7.86 11.74
N VAL B 287 21.78 -6.71 11.32
CA VAL B 287 22.86 -6.70 10.34
C VAL B 287 24.26 -6.39 10.88
N GLY B 288 24.37 -6.19 12.19
CA GLY B 288 25.67 -5.87 12.78
C GLY B 288 25.86 -4.38 12.86
N PHE B 289 26.77 -3.93 13.72
CA PHE B 289 26.99 -2.49 13.86
C PHE B 289 27.77 -1.82 12.74
N ASP B 290 28.64 -2.56 12.06
CA ASP B 290 29.39 -1.96 10.97
C ASP B 290 28.40 -1.59 9.87
N ASN B 291 27.48 -2.50 9.58
CA ASN B 291 26.48 -2.25 8.55
C ASN B 291 25.54 -1.12 8.98
N PHE B 292 25.30 -1.02 10.28
CA PHE B 292 24.43 0.04 10.79
C PHE B 292 25.13 1.38 10.62
N GLU B 293 26.45 1.39 10.80
CA GLU B 293 27.20 2.62 10.62
C GLU B 293 27.27 2.95 9.14
N GLN B 294 27.20 1.95 8.28
CA GLN B 294 27.22 2.22 6.84
C GLN B 294 25.92 2.94 6.48
N LEU B 295 24.82 2.46 7.03
CA LEU B 295 23.50 3.04 6.80
C LEU B 295 23.58 4.52 7.15
N LEU B 296 24.11 4.81 8.34
CA LEU B 296 24.25 6.19 8.80
C LEU B 296 25.13 7.02 7.86
N SER B 297 26.25 6.44 7.43
CA SER B 297 27.16 7.15 6.55
C SER B 297 26.50 7.52 5.24
N GLY B 298 25.67 6.62 4.72
CA GLY B 298 24.98 6.89 3.48
C GLY B 298 24.07 8.10 3.63
N ALA B 299 23.44 8.21 4.79
CA ALA B 299 22.55 9.31 5.08
C ALA B 299 23.36 10.60 5.22
N HIS B 300 24.50 10.49 5.88
CA HIS B 300 25.38 11.64 6.09
C HIS B 300 25.88 12.15 4.75
N TRP B 301 26.17 11.24 3.83
CA TRP B 301 26.64 11.63 2.51
C TRP B 301 25.57 12.48 1.83
N MET B 302 24.33 12.00 1.87
CA MET B 302 23.22 12.71 1.23
C MET B 302 22.94 14.04 1.93
N ASP B 303 23.11 14.08 3.25
CA ASP B 303 22.90 15.32 3.98
C ASP B 303 23.87 16.36 3.50
N GLN B 304 25.13 15.95 3.30
CA GLN B 304 26.16 16.87 2.83
C GLN B 304 25.86 17.32 1.41
N HIS B 305 25.37 16.39 0.59
CA HIS B 305 25.03 16.73 -0.80
C HIS B 305 23.96 17.83 -0.77
N PHE B 306 22.94 17.61 0.05
CA PHE B 306 21.84 18.56 0.17
C PHE B 306 22.31 19.92 0.65
N ARG B 307 23.25 19.93 1.59
CA ARG B 307 23.76 21.17 2.15
C ARG B 307 24.78 21.96 1.34
N THR B 308 25.56 21.28 0.50
CA THR B 308 26.60 21.97 -0.27
C THR B 308 26.38 22.16 -1.77
N THR B 309 25.37 21.51 -2.33
CA THR B 309 25.12 21.60 -3.77
C THR B 309 24.18 22.72 -4.23
N PRO B 310 24.58 23.48 -5.27
CA PRO B 310 23.73 24.55 -5.79
C PRO B 310 22.36 23.95 -6.11
N LEU B 311 21.29 24.64 -5.73
CA LEU B 311 19.94 24.16 -5.95
C LEU B 311 19.72 23.42 -7.27
N GLU B 312 20.16 24.02 -8.37
CA GLU B 312 19.99 23.41 -9.70
C GLU B 312 20.59 22.01 -9.89
N LYS B 313 21.45 21.58 -8.98
CA LYS B 313 22.07 20.26 -9.07
C LYS B 313 21.86 19.46 -7.79
N ASN B 314 20.95 19.94 -6.96
CA ASN B 314 20.62 19.32 -5.67
C ASN B 314 19.47 18.33 -5.84
N ALA B 315 19.76 17.03 -5.68
CA ALA B 315 18.75 15.98 -5.86
C ALA B 315 17.42 16.18 -5.12
N PRO B 316 17.46 16.23 -3.77
CA PRO B 316 16.20 16.43 -3.04
C PRO B 316 15.43 17.70 -3.40
N VAL B 317 16.14 18.74 -3.83
CA VAL B 317 15.49 19.99 -4.21
C VAL B 317 14.76 19.83 -5.53
N LEU B 318 15.43 19.18 -6.48
CA LEU B 318 14.82 18.95 -7.79
C LEU B 318 13.58 18.05 -7.62
N LEU B 319 13.73 16.98 -6.84
CA LEU B 319 12.60 16.07 -6.60
C LEU B 319 11.43 16.82 -5.97
N ALA B 320 11.74 17.68 -5.00
CA ALA B 320 10.72 18.45 -4.30
C ALA B 320 10.02 19.45 -5.22
N MET B 321 10.78 20.15 -6.06
CA MET B 321 10.18 21.14 -6.94
C MET B 321 9.35 20.56 -8.08
N LEU B 322 9.73 19.39 -8.57
CA LEU B 322 8.96 18.74 -9.62
C LEU B 322 7.64 18.35 -8.96
N GLY B 323 7.70 17.99 -7.69
CA GLY B 323 6.50 17.61 -6.96
C GLY B 323 5.58 18.80 -6.78
N ILE B 324 6.16 19.96 -6.47
CA ILE B 324 5.39 21.18 -6.27
C ILE B 324 4.68 21.50 -7.59
N TRP B 325 5.41 21.28 -8.69
CA TRP B 325 4.91 21.51 -10.06
C TRP B 325 3.64 20.69 -10.31
N TYR B 326 3.69 19.40 -10.02
CA TYR B 326 2.51 18.54 -10.22
C TYR B 326 1.37 18.78 -9.23
N ILE B 327 1.74 19.04 -7.98
CA ILE B 327 0.77 19.28 -6.93
C ILE B 327 0.06 20.63 -7.02
N ASN B 328 0.82 21.71 -7.13
CA ASN B 328 0.25 23.04 -7.16
C ASN B 328 -0.10 23.60 -8.52
N CYS B 329 0.44 23.02 -9.58
CA CYS B 329 0.12 23.50 -10.91
C CYS B 329 -0.77 22.53 -11.67
N PHE B 330 -0.45 21.23 -11.63
CA PHE B 330 -1.29 20.26 -12.32
C PHE B 330 -2.41 19.70 -11.44
N GLY B 331 -2.34 19.96 -10.14
CA GLY B 331 -3.37 19.49 -9.22
C GLY B 331 -3.40 17.99 -8.93
N CYS B 332 -2.26 17.33 -9.08
CA CYS B 332 -2.19 15.88 -8.83
C CYS B 332 -2.25 15.58 -7.34
N GLU B 333 -3.24 14.78 -6.96
CA GLU B 333 -3.43 14.41 -5.56
C GLU B 333 -2.44 13.40 -5.01
N THR B 334 -1.93 12.51 -5.87
CA THR B 334 -1.02 11.47 -5.37
C THR B 334 0.39 11.44 -5.95
N GLN B 335 1.22 10.60 -5.33
CA GLN B 335 2.60 10.40 -5.72
C GLN B 335 2.87 8.91 -5.52
N ALA B 336 3.15 8.19 -6.60
CA ALA B 336 3.43 6.76 -6.52
C ALA B 336 4.91 6.49 -6.36
N VAL B 337 5.24 5.51 -5.53
CA VAL B 337 6.62 5.11 -5.27
C VAL B 337 6.68 3.64 -5.66
N LEU B 338 7.40 3.36 -6.74
CA LEU B 338 7.46 2.02 -7.30
C LEU B 338 8.86 1.41 -7.40
N PRO B 339 9.41 0.88 -6.29
CA PRO B 339 10.71 0.20 -6.31
C PRO B 339 10.63 -1.14 -7.00
N TYR B 340 11.51 -1.39 -7.95
CA TYR B 340 11.56 -2.70 -8.63
C TYR B 340 12.57 -3.57 -7.86
N ASP B 341 12.17 -3.89 -6.64
CA ASP B 341 12.98 -4.66 -5.69
C ASP B 341 12.09 -5.22 -4.59
N GLN B 342 12.07 -6.54 -4.46
CA GLN B 342 11.25 -7.23 -3.46
C GLN B 342 11.67 -6.90 -2.03
N TYR B 343 12.97 -6.68 -1.83
CA TYR B 343 13.49 -6.37 -0.50
C TYR B 343 12.94 -5.03 -0.02
N LEU B 344 12.60 -4.15 -0.96
CA LEU B 344 12.04 -2.84 -0.63
C LEU B 344 10.51 -2.89 -0.59
N HIS B 345 9.95 -4.05 -0.28
CA HIS B 345 8.49 -4.16 -0.26
C HIS B 345 7.77 -3.27 0.76
N ARG B 346 8.49 -2.69 1.72
CA ARG B 346 7.86 -1.78 2.68
C ARG B 346 8.35 -0.33 2.52
N PHE B 347 9.08 -0.07 1.43
CA PHE B 347 9.63 1.26 1.15
C PHE B 347 8.55 2.31 0.89
N ALA B 348 7.60 1.97 0.02
CA ALA B 348 6.52 2.90 -0.28
C ALA B 348 5.71 3.16 1.00
N ALA B 349 5.46 2.11 1.76
CA ALA B 349 4.70 2.24 2.99
C ALA B 349 5.40 3.16 3.99
N TYR B 350 6.72 3.06 4.04
CA TYR B 350 7.51 3.88 4.94
C TYR B 350 7.39 5.38 4.63
N PHE B 351 7.45 5.71 3.35
CA PHE B 351 7.38 7.12 2.96
C PHE B 351 5.92 7.58 2.90
N GLN B 352 5.03 6.62 2.85
CA GLN B 352 3.60 6.96 2.93
C GLN B 352 3.47 7.65 4.30
N GLN B 353 4.11 7.09 5.32
CA GLN B 353 4.07 7.72 6.63
C GLN B 353 4.96 8.98 6.65
N GLY B 354 6.22 8.80 6.30
CA GLY B 354 7.15 9.92 6.30
C GLY B 354 6.67 11.20 5.64
N ASP B 355 6.10 11.06 4.44
CA ASP B 355 5.63 12.20 3.67
C ASP B 355 4.29 12.75 4.15
N MET B 356 3.30 11.87 4.27
CA MET B 356 1.96 12.28 4.67
C MET B 356 1.84 12.81 6.09
N GLU B 357 2.52 12.18 7.04
CA GLU B 357 2.47 12.65 8.42
C GLU B 357 3.21 14.00 8.53
N SER B 358 4.21 14.22 7.67
CA SER B 358 4.96 15.47 7.70
C SER B 358 4.25 16.65 7.02
N ASN B 359 3.79 16.45 5.80
CA ASN B 359 3.19 17.53 5.03
C ASN B 359 1.66 17.54 4.86
N GLY B 360 0.98 16.66 5.60
CA GLY B 360 -0.47 16.64 5.57
C GLY B 360 -0.90 17.69 6.59
N LYS B 361 -0.76 18.96 6.20
CA LYS B 361 -1.07 20.10 7.07
C LYS B 361 -1.83 21.17 6.29
N TYR B 362 -2.48 22.09 7.00
CA TYR B 362 -3.23 23.14 6.31
C TYR B 362 -3.08 24.51 6.95
N ILE B 363 -2.20 24.60 7.93
CA ILE B 363 -1.92 25.83 8.65
C ILE B 363 -0.43 26.17 8.48
N THR B 364 -0.13 27.40 8.03
CA THR B 364 1.26 27.79 7.84
C THR B 364 1.89 28.20 9.18
N LYS B 365 3.20 28.37 9.17
CA LYS B 365 3.92 28.77 10.38
C LYS B 365 3.53 30.15 10.86
N SER B 366 2.82 30.90 10.02
CA SER B 366 2.37 32.24 10.38
C SER B 366 0.94 32.17 10.93
N GLY B 367 0.38 30.97 10.97
CA GLY B 367 -0.97 30.79 11.48
C GLY B 367 -2.06 30.88 10.42
N ALA B 368 -1.69 31.32 9.22
CA ALA B 368 -2.64 31.47 8.12
C ALA B 368 -3.04 30.11 7.56
N ARG B 369 -4.29 29.99 7.13
CA ARG B 369 -4.76 28.74 6.55
C ARG B 369 -4.31 28.73 5.11
N VAL B 370 -3.81 27.60 4.63
CA VAL B 370 -3.34 27.55 3.24
C VAL B 370 -4.51 27.68 2.26
N ASP B 371 -4.24 28.29 1.12
CA ASP B 371 -5.24 28.44 0.07
C ASP B 371 -4.69 27.74 -1.18
N HIS B 372 -3.96 26.66 -0.93
CA HIS B 372 -3.35 25.86 -1.98
C HIS B 372 -3.12 24.46 -1.42
N GLN B 373 -2.83 23.51 -2.29
CA GLN B 373 -2.58 22.13 -1.87
C GLN B 373 -1.27 21.98 -1.14
N THR B 374 -1.22 20.99 -0.26
CA THR B 374 0.01 20.67 0.45
C THR B 374 0.31 19.19 0.14
N GLY B 375 0.80 18.44 1.12
CA GLY B 375 1.18 17.05 0.91
C GLY B 375 0.29 16.14 0.06
N PRO B 376 0.90 15.30 -0.79
CA PRO B 376 0.12 14.39 -1.63
C PRO B 376 -0.10 13.07 -0.91
N ILE B 377 -0.96 12.23 -1.48
CA ILE B 377 -1.21 10.91 -0.91
C ILE B 377 -0.13 10.03 -1.56
N VAL B 378 0.70 9.40 -0.75
CA VAL B 378 1.78 8.56 -1.27
C VAL B 378 1.41 7.08 -1.17
N TRP B 379 1.65 6.33 -2.24
CA TRP B 379 1.31 4.91 -2.26
C TRP B 379 2.19 4.14 -3.25
N GLY B 380 2.00 2.88 -3.39
CA GLY B 380 2.74 2.04 -4.33
C GLY B 380 3.02 0.65 -3.74
N GLU B 381 3.46 -0.21 -4.64
CA GLU B 381 3.82 -1.60 -4.34
C GLU B 381 5.05 -2.01 -5.16
N PRO B 382 5.85 -2.98 -4.70
CA PRO B 382 7.04 -3.39 -5.44
C PRO B 382 6.67 -4.00 -6.79
N GLY B 383 7.19 -3.40 -7.87
CA GLY B 383 7.03 -3.98 -9.23
C GLY B 383 7.93 -5.19 -9.26
N THR B 384 7.60 -5.98 -10.23
CA THR B 384 6.72 -5.75 -11.33
C THR B 384 5.23 -5.94 -11.03
N ASN B 385 4.94 -6.58 -9.93
CA ASN B 385 3.57 -6.96 -9.61
C ASN B 385 2.55 -5.92 -10.07
N GLY B 386 2.82 -4.64 -9.92
CA GLY B 386 1.88 -3.56 -10.19
C GLY B 386 1.45 -3.56 -11.64
N GLN B 387 2.37 -3.88 -12.54
CA GLN B 387 2.08 -3.91 -13.97
C GLN B 387 0.88 -4.78 -14.30
N HIS B 388 0.66 -5.80 -13.48
CA HIS B 388 -0.44 -6.73 -13.71
C HIS B 388 -1.63 -6.39 -12.82
N ALA B 389 -1.62 -5.17 -12.28
CA ALA B 389 -2.68 -4.72 -11.40
C ALA B 389 -3.08 -3.26 -11.64
N PHE B 390 -2.65 -2.38 -10.75
CA PHE B 390 -3.06 -0.95 -10.79
C PHE B 390 -2.39 -0.13 -11.92
N TYR B 391 -1.40 -0.69 -12.59
CA TYR B 391 -0.73 0.05 -13.69
C TYR B 391 -1.74 0.39 -14.80
N GLN B 392 -2.77 -0.45 -14.90
CA GLN B 392 -3.85 -0.28 -15.88
C GLN B 392 -4.40 1.15 -15.78
N LEU B 393 -4.65 1.59 -14.55
CA LEU B 393 -5.19 2.93 -14.33
C LEU B 393 -4.14 4.01 -14.59
N ILE B 394 -2.88 3.74 -14.28
CA ILE B 394 -1.85 4.74 -14.53
C ILE B 394 -1.70 4.96 -16.04
N HIS B 395 -1.85 3.89 -16.82
CA HIS B 395 -1.74 3.95 -18.28
C HIS B 395 -2.99 4.48 -18.98
N GLN B 396 -4.16 3.98 -18.60
CA GLN B 396 -5.40 4.38 -19.25
C GLN B 396 -6.52 4.93 -18.38
N GLY B 397 -6.16 5.50 -17.23
CA GLY B 397 -7.18 6.07 -16.35
C GLY B 397 -7.45 7.53 -16.71
N THR B 398 -8.07 8.25 -15.78
CA THR B 398 -8.39 9.66 -16.00
C THR B 398 -7.64 10.57 -15.05
N LYS B 399 -6.68 9.99 -14.32
CA LYS B 399 -5.86 10.73 -13.35
C LYS B 399 -4.38 10.85 -13.73
N MET B 400 -3.78 12.00 -13.46
CA MET B 400 -2.35 12.20 -13.73
C MET B 400 -1.67 11.77 -12.42
N ILE B 401 -0.77 10.79 -12.52
CA ILE B 401 -0.10 10.26 -11.34
C ILE B 401 1.41 10.24 -11.49
N PRO B 402 2.12 11.23 -10.91
CA PRO B 402 3.58 11.25 -11.03
C PRO B 402 4.12 9.97 -10.36
N CYS B 403 5.05 9.27 -11.01
CA CYS B 403 5.60 8.04 -10.45
C CYS B 403 7.12 8.06 -10.35
N ASP B 404 7.63 7.58 -9.22
CA ASP B 404 9.06 7.46 -9.00
C ASP B 404 9.38 5.98 -9.14
N PHE B 405 10.15 5.63 -10.18
CA PHE B 405 10.54 4.24 -10.42
C PHE B 405 11.95 4.08 -9.88
N LEU B 406 12.17 3.10 -9.00
CA LEU B 406 13.51 2.89 -8.45
C LEU B 406 13.99 1.47 -8.68
N ILE B 407 15.29 1.30 -8.89
CA ILE B 407 15.84 -0.03 -9.10
C ILE B 407 17.37 -0.07 -9.00
N PRO B 408 17.91 -1.18 -8.50
CA PRO B 408 19.35 -1.35 -8.37
C PRO B 408 19.88 -2.07 -9.62
N VAL B 409 21.06 -1.67 -10.10
CA VAL B 409 21.65 -2.29 -11.28
C VAL B 409 22.05 -3.73 -10.99
N GLN B 410 22.71 -3.94 -9.86
CA GLN B 410 23.16 -5.26 -9.45
C GLN B 410 22.21 -5.83 -8.40
N THR B 411 21.81 -7.08 -8.58
CA THR B 411 20.89 -7.73 -7.66
C THR B 411 21.63 -8.50 -6.59
N GLN B 412 20.95 -8.76 -5.48
CA GLN B 412 21.53 -9.51 -4.37
C GLN B 412 21.41 -11.02 -4.65
N HIS B 413 20.66 -11.37 -5.70
CA HIS B 413 20.45 -12.77 -6.07
C HIS B 413 20.49 -12.97 -7.58
N PRO B 414 21.71 -13.02 -8.15
CA PRO B 414 21.93 -13.21 -9.59
C PRO B 414 21.72 -14.65 -10.02
N ILE B 415 20.57 -15.21 -9.66
CA ILE B 415 20.25 -16.57 -10.02
C ILE B 415 20.04 -16.72 -11.52
N ARG B 416 20.19 -17.93 -12.03
CA ARG B 416 20.00 -18.21 -13.45
C ARG B 416 20.88 -17.32 -14.32
N LYS B 417 22.10 -17.08 -13.84
CA LYS B 417 23.06 -16.26 -14.57
C LYS B 417 22.54 -14.86 -14.87
N GLY B 418 21.72 -14.33 -13.98
CA GLY B 418 21.19 -12.98 -14.16
C GLY B 418 19.93 -12.82 -15.00
N LEU B 419 19.32 -13.94 -15.40
CA LEU B 419 18.13 -13.88 -16.24
C LEU B 419 16.97 -13.10 -15.58
N HIS B 420 16.65 -13.43 -14.34
CA HIS B 420 15.58 -12.74 -13.63
C HIS B 420 15.75 -11.23 -13.54
N HIS B 421 16.97 -10.79 -13.24
CA HIS B 421 17.22 -9.36 -13.12
C HIS B 421 17.20 -8.66 -14.48
N LYS B 422 17.60 -9.38 -15.52
CA LYS B 422 17.60 -8.83 -16.87
C LYS B 422 16.16 -8.48 -17.22
N ILE B 423 15.25 -9.41 -16.96
CA ILE B 423 13.83 -9.19 -17.23
C ILE B 423 13.28 -8.05 -16.37
N LEU B 424 13.70 -8.02 -15.10
CA LEU B 424 13.26 -6.97 -14.18
C LEU B 424 13.65 -5.58 -14.69
N LEU B 425 14.91 -5.42 -15.11
CA LEU B 425 15.41 -4.14 -15.62
C LEU B 425 14.69 -3.72 -16.90
N ALA B 426 14.47 -4.67 -17.80
CA ALA B 426 13.81 -4.37 -19.07
C ALA B 426 12.41 -3.82 -18.84
N ASN B 427 11.71 -4.40 -17.86
CA ASN B 427 10.36 -3.97 -17.52
C ASN B 427 10.37 -2.57 -16.89
N PHE B 428 11.40 -2.32 -16.08
CA PHE B 428 11.60 -1.03 -15.42
C PHE B 428 11.70 0.06 -16.49
N LEU B 429 12.57 -0.18 -17.48
CA LEU B 429 12.81 0.75 -18.58
C LEU B 429 11.62 0.94 -19.52
N ALA B 430 11.04 -0.18 -19.95
CA ALA B 430 9.91 -0.17 -20.87
C ALA B 430 8.65 0.51 -20.34
N GLN B 431 8.43 0.41 -19.04
CA GLN B 431 7.24 1.02 -18.41
C GLN B 431 7.25 2.55 -18.44
N THR B 432 8.38 3.15 -18.12
CA THR B 432 8.47 4.60 -18.15
C THR B 432 8.50 5.08 -19.60
N GLU B 433 9.03 4.25 -20.49
CA GLU B 433 9.08 4.61 -21.91
C GLU B 433 7.65 4.62 -22.46
N ALA B 434 6.87 3.62 -22.09
CA ALA B 434 5.48 3.50 -22.55
C ALA B 434 4.61 4.59 -21.95
N LEU B 435 4.83 4.92 -20.68
CA LEU B 435 4.04 5.96 -20.04
C LEU B 435 4.30 7.28 -20.74
N MET B 436 5.53 7.47 -21.21
CA MET B 436 5.92 8.69 -21.90
C MET B 436 5.40 8.68 -23.34
N LYS B 437 5.76 7.65 -24.09
CA LYS B 437 5.37 7.51 -25.50
C LYS B 437 3.91 7.21 -25.79
N GLY B 438 3.32 6.27 -25.05
CA GLY B 438 1.94 5.90 -25.29
C GLY B 438 1.87 5.21 -26.66
N LYS B 439 0.68 5.11 -27.23
CA LYS B 439 0.49 4.49 -28.55
C LYS B 439 -0.67 5.16 -29.29
N SER B 440 -0.36 5.88 -30.35
CA SER B 440 -1.38 6.60 -31.12
C SER B 440 -2.42 5.73 -31.82
N THR B 441 -3.46 6.38 -32.34
CA THR B 441 -4.54 5.70 -33.03
C THR B 441 -4.04 5.00 -34.28
N GLU B 442 -3.09 5.65 -34.97
CA GLU B 442 -2.52 5.09 -36.18
C GLU B 442 -1.70 3.84 -35.89
N GLU B 443 -0.93 3.90 -34.80
CA GLU B 443 -0.10 2.77 -34.40
C GLU B 443 -0.97 1.60 -33.97
N ALA B 444 -2.02 1.89 -33.23
CA ALA B 444 -2.94 0.86 -32.75
C ALA B 444 -3.68 0.19 -33.92
N ARG B 445 -4.24 1.00 -34.81
CA ARG B 445 -4.98 0.46 -35.95
C ARG B 445 -4.07 -0.38 -36.84
N LYS B 446 -2.81 0.00 -36.93
CA LYS B 446 -1.86 -0.74 -37.75
C LYS B 446 -1.77 -2.17 -37.21
N GLU B 447 -1.51 -2.29 -35.92
CA GLU B 447 -1.38 -3.58 -35.29
C GLU B 447 -2.65 -4.41 -35.45
N LEU B 448 -3.81 -3.76 -35.33
CA LEU B 448 -5.08 -4.44 -35.46
C LEU B 448 -5.32 -4.98 -36.87
N GLN B 449 -4.86 -4.24 -37.87
CA GLN B 449 -5.01 -4.64 -39.26
C GLN B 449 -4.04 -5.78 -39.56
N ALA B 450 -2.84 -5.70 -39.01
CA ALA B 450 -1.83 -6.74 -39.21
C ALA B 450 -2.30 -8.01 -38.54
N ALA B 451 -3.10 -7.86 -37.49
CA ALA B 451 -3.64 -9.00 -36.76
C ALA B 451 -4.78 -9.64 -37.56
N GLY B 452 -5.13 -9.01 -38.67
CA GLY B 452 -6.19 -9.53 -39.53
C GLY B 452 -7.60 -9.30 -39.02
N LYS B 453 -7.81 -8.24 -38.25
CA LYS B 453 -9.14 -7.94 -37.73
C LYS B 453 -10.08 -7.36 -38.78
N SER B 454 -11.32 -7.82 -38.76
CA SER B 454 -12.33 -7.34 -39.70
C SER B 454 -12.57 -5.86 -39.43
N PRO B 455 -13.06 -5.12 -40.45
CA PRO B 455 -13.31 -3.69 -40.24
C PRO B 455 -14.21 -3.49 -39.03
N GLU B 456 -15.08 -4.46 -38.80
CA GLU B 456 -16.02 -4.41 -37.68
C GLU B 456 -15.33 -4.55 -36.33
N ASP B 457 -14.45 -5.55 -36.22
CA ASP B 457 -13.73 -5.80 -34.99
C ASP B 457 -12.69 -4.72 -34.66
N LEU B 458 -11.97 -4.26 -35.69
CA LEU B 458 -10.97 -3.24 -35.49
C LEU B 458 -11.61 -1.94 -35.03
N MET B 459 -12.72 -1.57 -35.67
CA MET B 459 -13.45 -0.35 -35.35
C MET B 459 -13.93 -0.26 -33.89
N LYS B 460 -14.46 -1.36 -33.36
CA LYS B 460 -14.97 -1.37 -32.00
C LYS B 460 -13.92 -1.60 -30.93
N LEU B 461 -12.77 -2.15 -31.32
CA LEU B 461 -11.70 -2.45 -30.39
C LEU B 461 -10.53 -1.46 -30.43
N LEU B 462 -10.40 -0.75 -31.55
CA LEU B 462 -9.32 0.21 -31.75
C LEU B 462 -9.14 1.30 -30.67
N PRO B 463 -10.21 2.04 -30.33
CA PRO B 463 -10.11 3.09 -29.30
C PRO B 463 -9.58 2.59 -27.96
N HIS B 464 -10.02 1.39 -27.58
CA HIS B 464 -9.62 0.77 -26.32
C HIS B 464 -8.15 0.38 -26.23
N LYS B 465 -7.47 0.29 -27.38
CA LYS B 465 -6.06 -0.09 -27.39
C LYS B 465 -5.11 1.08 -27.64
N VAL B 466 -5.65 2.28 -27.56
CA VAL B 466 -4.85 3.49 -27.74
C VAL B 466 -4.38 3.96 -26.36
N PHE B 467 -3.14 4.46 -26.31
CA PHE B 467 -2.57 4.97 -25.06
C PHE B 467 -2.11 6.41 -25.31
N GLU B 468 -2.73 7.35 -24.60
CA GLU B 468 -2.41 8.76 -24.78
C GLU B 468 -1.02 9.17 -24.28
N GLY B 469 -0.40 8.32 -23.48
CA GLY B 469 0.93 8.64 -22.97
C GLY B 469 1.00 9.97 -22.26
N ASN B 470 2.17 10.61 -22.32
CA ASN B 470 2.41 11.91 -21.70
C ASN B 470 2.26 11.86 -20.18
N ARG B 471 2.55 10.70 -19.61
CA ARG B 471 2.46 10.49 -18.17
C ARG B 471 3.89 10.50 -17.63
N PRO B 472 4.24 11.53 -16.84
CA PRO B 472 5.54 11.78 -16.23
C PRO B 472 6.03 10.79 -15.18
N THR B 473 7.33 10.56 -15.19
CA THR B 473 7.96 9.65 -14.25
C THR B 473 9.39 10.08 -13.93
N ASN B 474 9.91 9.59 -12.80
CA ASN B 474 11.31 9.83 -12.45
C ASN B 474 11.87 8.41 -12.43
N SER B 475 13.12 8.26 -12.85
CA SER B 475 13.76 6.95 -12.80
C SER B 475 14.98 7.16 -11.96
N ILE B 476 15.06 6.43 -10.86
CA ILE B 476 16.18 6.54 -9.94
C ILE B 476 16.87 5.18 -9.96
N VAL B 477 18.05 5.15 -10.55
CA VAL B 477 18.81 3.91 -10.66
C VAL B 477 20.13 4.02 -9.88
N PHE B 478 20.37 3.03 -9.04
CA PHE B 478 21.60 3.00 -8.24
C PHE B 478 22.34 1.68 -8.45
N THR B 479 23.66 1.72 -8.27
CA THR B 479 24.50 0.56 -8.49
C THR B 479 24.04 -0.72 -7.80
N LYS B 480 23.82 -0.63 -6.50
CA LYS B 480 23.37 -1.79 -5.72
C LYS B 480 22.68 -1.31 -4.45
N LEU B 481 21.74 -2.09 -3.94
CA LEU B 481 21.04 -1.69 -2.71
C LEU B 481 21.82 -2.18 -1.49
N THR B 482 22.77 -1.37 -1.06
CA THR B 482 23.59 -1.70 0.11
C THR B 482 23.15 -0.86 1.31
N PRO B 483 23.66 -1.17 2.50
CA PRO B 483 23.27 -0.40 3.69
C PRO B 483 23.53 1.11 3.45
N PHE B 484 24.64 1.42 2.79
CA PHE B 484 25.01 2.80 2.50
C PHE B 484 24.08 3.48 1.50
N ILE B 485 23.82 2.82 0.37
CA ILE B 485 22.95 3.40 -0.65
C ILE B 485 21.53 3.56 -0.09
N LEU B 486 21.04 2.56 0.63
CA LEU B 486 19.70 2.68 1.23
C LEU B 486 19.64 3.93 2.09
N GLY B 487 20.64 4.09 2.96
CA GLY B 487 20.69 5.25 3.84
C GLY B 487 20.64 6.58 3.08
N ALA B 488 21.38 6.65 1.98
CA ALA B 488 21.40 7.86 1.17
C ALA B 488 20.04 8.09 0.52
N LEU B 489 19.40 7.00 0.07
CA LEU B 489 18.08 7.10 -0.56
C LEU B 489 17.01 7.57 0.42
N ILE B 490 17.04 7.03 1.64
CA ILE B 490 16.06 7.44 2.64
C ILE B 490 16.28 8.91 2.97
N ALA B 491 17.55 9.30 3.10
CA ALA B 491 17.87 10.69 3.42
C ALA B 491 17.44 11.62 2.29
N MET B 492 17.58 11.14 1.05
CA MET B 492 17.21 11.94 -0.11
C MET B 492 15.74 12.33 -0.02
N TYR B 493 14.88 11.34 0.24
CA TYR B 493 13.45 11.61 0.35
C TYR B 493 13.10 12.42 1.58
N GLU B 494 13.83 12.24 2.68
CA GLU B 494 13.54 13.04 3.88
C GLU B 494 13.72 14.52 3.51
N HIS B 495 14.77 14.83 2.78
CA HIS B 495 15.03 16.22 2.42
C HIS B 495 14.08 16.74 1.34
N LYS B 496 13.59 15.84 0.48
CA LYS B 496 12.62 16.25 -0.53
C LYS B 496 11.39 16.74 0.25
N ILE B 497 11.01 15.96 1.26
CA ILE B 497 9.85 16.28 2.09
C ILE B 497 10.07 17.61 2.81
N PHE B 498 11.31 17.85 3.25
CA PHE B 498 11.67 19.08 3.94
C PHE B 498 11.53 20.29 3.02
N VAL B 499 12.08 20.19 1.81
CA VAL B 499 12.01 21.30 0.86
C VAL B 499 10.57 21.70 0.54
N GLN B 500 9.71 20.72 0.26
CA GLN B 500 8.32 21.03 -0.04
C GLN B 500 7.64 21.72 1.13
N GLY B 501 7.90 21.23 2.34
CA GLY B 501 7.33 21.83 3.52
C GLY B 501 7.73 23.30 3.65
N VAL B 502 8.98 23.62 3.32
CA VAL B 502 9.45 24.99 3.41
C VAL B 502 8.73 25.84 2.36
N VAL B 503 8.63 25.31 1.14
CA VAL B 503 7.95 26.03 0.06
C VAL B 503 6.48 26.32 0.42
N TRP B 504 5.83 25.37 1.11
CA TRP B 504 4.43 25.54 1.51
C TRP B 504 4.30 26.33 2.81
N ASP B 505 5.44 26.58 3.44
CA ASP B 505 5.54 27.32 4.70
C ASP B 505 4.79 26.64 5.85
N ILE B 506 4.82 25.31 5.86
CA ILE B 506 4.16 24.57 6.92
C ILE B 506 5.23 23.95 7.82
N ASN B 507 4.80 23.39 8.93
CA ASN B 507 5.74 22.74 9.84
C ASN B 507 5.65 21.23 9.57
N SER B 508 6.66 20.73 8.90
CA SER B 508 6.71 19.32 8.50
C SER B 508 7.16 18.40 9.65
N PHE B 509 7.28 18.94 10.86
CA PHE B 509 7.85 18.14 11.96
C PHE B 509 6.93 17.98 13.18
N ASP B 510 5.72 18.50 13.12
CA ASP B 510 4.75 18.25 14.20
C ASP B 510 3.74 17.26 13.64
N GLN B 511 2.77 16.84 14.46
CA GLN B 511 1.76 15.89 14.02
C GLN B 511 0.57 15.96 14.98
N TRP B 512 -0.07 17.12 15.05
CA TRP B 512 -1.19 17.30 15.95
C TRP B 512 -2.33 16.30 15.77
N GLY B 513 -2.54 15.86 14.53
CA GLY B 513 -3.57 14.88 14.28
C GLY B 513 -3.20 13.53 14.86
N VAL B 514 -1.91 13.20 14.81
CA VAL B 514 -1.42 11.94 15.38
C VAL B 514 -1.50 12.04 16.91
N GLU B 515 -1.12 13.20 17.45
CA GLU B 515 -1.16 13.40 18.91
C GLU B 515 -2.61 13.29 19.38
N LEU B 516 -3.53 13.86 18.60
CA LEU B 516 -4.94 13.82 18.93
C LEU B 516 -5.42 12.35 18.97
N GLY B 517 -5.06 11.59 17.95
CA GLY B 517 -5.45 10.20 17.87
C GLY B 517 -5.08 9.37 19.09
N LYS B 518 -3.95 9.69 19.70
CA LYS B 518 -3.52 8.95 20.89
C LYS B 518 -4.36 9.27 22.13
N GLN B 519 -5.38 10.10 21.97
CA GLN B 519 -6.25 10.47 23.09
C GLN B 519 -7.74 10.42 22.76
N LEU B 520 -8.11 9.76 21.66
CA LEU B 520 -9.51 9.67 21.26
C LEU B 520 -10.26 8.47 21.82
N ALA B 521 -9.62 7.31 21.79
CA ALA B 521 -10.22 6.06 22.25
C ALA B 521 -10.63 6.11 23.73
N LYS B 522 -9.92 6.94 24.48
CA LYS B 522 -10.10 7.14 25.92
C LYS B 522 -11.54 7.10 26.43
N LYS B 523 -12.42 7.90 25.86
CA LYS B 523 -13.80 7.95 26.30
C LYS B 523 -14.69 6.75 26.00
N ILE B 524 -14.55 6.19 24.80
CA ILE B 524 -15.37 5.05 24.43
C ILE B 524 -14.96 3.73 25.07
N GLU B 525 -13.67 3.58 25.34
CA GLU B 525 -13.16 2.34 25.93
C GLU B 525 -13.99 1.85 27.11
N PRO B 526 -14.15 2.68 28.15
CA PRO B 526 -14.94 2.22 29.31
C PRO B 526 -16.43 2.02 29.02
N GLU B 527 -16.95 2.71 28.01
CA GLU B 527 -18.37 2.56 27.67
C GLU B 527 -18.69 1.26 26.95
N LEU B 528 -17.66 0.56 26.48
CA LEU B 528 -17.89 -0.70 25.78
C LEU B 528 -18.16 -1.85 26.74
N ASP B 529 -17.66 -1.73 27.97
CA ASP B 529 -17.82 -2.76 28.99
C ASP B 529 -19.26 -3.18 29.27
N GLY B 530 -20.07 -2.25 29.76
CA GLY B 530 -21.45 -2.58 30.06
C GLY B 530 -22.20 -3.22 28.90
N SER B 531 -23.34 -3.84 29.19
CA SER B 531 -24.14 -4.47 28.15
C SER B 531 -25.32 -3.55 27.85
N SER B 532 -25.38 -2.44 28.56
CA SER B 532 -26.45 -1.46 28.36
C SER B 532 -26.11 -0.58 27.17
N PRO B 533 -27.12 -0.21 26.37
CA PRO B 533 -26.87 0.64 25.19
C PRO B 533 -26.24 1.99 25.54
N VAL B 534 -25.55 2.56 24.56
CA VAL B 534 -24.90 3.86 24.72
C VAL B 534 -25.70 4.88 23.92
N THR B 535 -25.83 6.09 24.46
CA THR B 535 -26.59 7.15 23.78
C THR B 535 -25.96 8.52 23.96
N SER B 536 -24.72 8.54 24.44
CA SER B 536 -24.00 9.78 24.70
C SER B 536 -23.28 10.41 23.50
N HIS B 537 -23.25 9.70 22.38
CA HIS B 537 -22.57 10.20 21.18
C HIS B 537 -23.61 10.46 20.08
N ASP B 538 -23.14 10.78 18.88
CA ASP B 538 -24.04 11.01 17.75
C ASP B 538 -24.66 9.64 17.50
N SER B 539 -25.76 9.60 16.76
CA SER B 539 -26.45 8.33 16.50
C SER B 539 -25.65 7.23 15.79
N SER B 540 -24.67 7.62 14.98
CA SER B 540 -23.85 6.64 14.29
C SER B 540 -22.95 5.92 15.29
N THR B 541 -22.16 6.69 16.02
CA THR B 541 -21.27 6.12 17.03
C THR B 541 -22.08 5.28 18.01
N ASN B 542 -23.25 5.78 18.40
CA ASN B 542 -24.15 5.07 19.33
C ASN B 542 -24.57 3.74 18.70
N GLY B 543 -25.09 3.83 17.48
CA GLY B 543 -25.54 2.64 16.77
C GLY B 543 -24.47 1.60 16.56
N LEU B 544 -23.25 2.04 16.23
CA LEU B 544 -22.14 1.12 16.02
C LEU B 544 -21.78 0.42 17.33
N ILE B 545 -21.75 1.20 18.41
CA ILE B 545 -21.45 0.67 19.74
C ILE B 545 -22.51 -0.34 20.17
N ASN B 546 -23.77 -0.03 19.91
CA ASN B 546 -24.84 -0.93 20.29
C ASN B 546 -24.86 -2.21 19.44
N PHE B 547 -24.45 -2.10 18.18
CA PHE B 547 -24.39 -3.27 17.30
C PHE B 547 -23.24 -4.13 17.81
N ILE B 548 -22.24 -3.46 18.36
CA ILE B 548 -21.06 -4.12 18.91
C ILE B 548 -21.45 -4.97 20.11
N LYS B 549 -22.14 -4.36 21.07
CA LYS B 549 -22.56 -5.07 22.27
C LYS B 549 -23.52 -6.20 21.94
N GLN B 550 -24.40 -5.97 20.97
CA GLN B 550 -25.35 -6.98 20.56
C GLN B 550 -24.69 -8.22 19.95
N GLN B 551 -23.76 -8.01 19.02
CA GLN B 551 -23.10 -9.13 18.36
C GLN B 551 -21.97 -9.74 19.18
N ARG B 552 -21.65 -9.12 20.31
CA ARG B 552 -20.60 -9.63 21.18
C ARG B 552 -21.02 -11.03 21.61
N GLU B 553 -22.33 -11.22 21.75
CA GLU B 553 -22.91 -12.49 22.16
C GLU B 553 -22.97 -13.52 21.03
N ALA B 554 -23.42 -13.08 19.85
CA ALA B 554 -23.54 -13.94 18.68
C ALA B 554 -22.63 -15.17 18.70
N LYS B 555 -23.22 -16.34 18.48
CA LYS B 555 -22.46 -17.59 18.46
C LYS B 555 -22.41 -18.16 17.05
N ILE B 556 -21.47 -17.67 16.25
CA ILE B 556 -21.30 -18.14 14.88
C ILE B 556 -20.17 -19.15 14.81
#